data_8HP2
#
_entry.id   8HP2
#
_cell.length_a   123.471
_cell.length_b   85.295
_cell.length_c   113.534
_cell.angle_alpha   90.00
_cell.angle_beta   120.71
_cell.angle_gamma   90.00
#
_symmetry.space_group_name_H-M   'C 1 2 1'
#
_entity_poly.entity_id   1
_entity_poly.type   'polypeptide(L)'
_entity_poly.pdbx_seq_one_letter_code
;MSEITLGRFFFERLHQLQVDTVFGLPGDFNLALLDKIYEVDGMRWAGNANELNAGYAADGYARVNPNGLAALVSTFGVGE
LSLTNAIAGSYSEHVGIINLVGVPSSSAQAKQLLLHHTLGNGDFTVFHRMFKNISQTSAFISDPNTAASEIDRCIRDAYV
YQRPVYIGLPSNLVDVKVPKSLLDKKIDLSLHPNEPESQAEVVETVEKFISEASNPVILVDACAIRHNCLKEVAELIAET
QFPVFTTPMGKSSVDESNPRFGGVYVGSLSSPDVKEAVESADLVLSVGAMLSDFNTGAFSYNYKTRNVVEFHSDYTKIRQ
ATFPGVQMKEALQVLLKTVKKSVNPKYVPAPVPATKAITTPGNNDPVSQEYLWRKVSDWFQEGDVIISETGTSAFGIVQS
KFPKNAIGISQVLWGSIGYATGATCGAAMAAQEIDPKKRVILFTGDGSLQLTVQEISTMCKWDCYNTYLYVLNNDGYTIE
RLIHGEKAQYNDIQPWNNLQLLPLFNAKKYETKRISTVGELNDLFTNKEFAVPDRIRMVEIMLPVMDAPANLVAQAKQSA
ATNAAQE
;
_entity_poly.pdbx_strand_id   A,B
#
# COMPACT_ATOMS: atom_id res chain seq x y z
N SER A 2 -36.81 -10.74 4.94
CA SER A 2 -36.20 -11.33 6.18
C SER A 2 -35.76 -12.78 5.95
N GLU A 3 -36.30 -13.46 4.92
CA GLU A 3 -35.84 -14.79 4.45
C GLU A 3 -35.23 -14.62 3.05
N ILE A 4 -34.09 -15.28 2.78
CA ILE A 4 -33.36 -15.18 1.47
C ILE A 4 -33.34 -16.56 0.80
N THR A 5 -33.21 -16.57 -0.53
CA THR A 5 -33.06 -17.79 -1.36
C THR A 5 -31.75 -18.50 -0.97
N LEU A 6 -31.71 -19.83 -1.11
CA LEU A 6 -30.52 -20.66 -0.80
C LEU A 6 -29.37 -20.25 -1.74
N GLY A 7 -29.67 -20.11 -3.03
CA GLY A 7 -28.72 -19.65 -4.06
C GLY A 7 -28.01 -18.37 -3.64
N ARG A 8 -28.78 -17.41 -3.10
CA ARG A 8 -28.23 -16.10 -2.66
C ARG A 8 -27.33 -16.29 -1.45
N PHE A 9 -27.76 -17.09 -0.47
CA PHE A 9 -27.00 -17.41 0.77
C PHE A 9 -25.56 -17.76 0.39
N PHE A 10 -25.41 -18.66 -0.58
CA PHE A 10 -24.09 -19.11 -1.12
C PHE A 10 -23.25 -17.89 -1.51
N PHE A 11 -23.73 -17.07 -2.45
CA PHE A 11 -22.99 -15.92 -3.04
C PHE A 11 -22.74 -14.85 -1.97
N GLU A 12 -23.66 -14.71 -1.01
CA GLU A 12 -23.52 -13.77 0.14
C GLU A 12 -22.38 -14.24 1.05
N ARG A 13 -22.21 -15.57 1.22
CA ARG A 13 -21.10 -16.17 1.99
C ARG A 13 -19.76 -15.91 1.28
N LEU A 14 -19.74 -16.09 -0.04
CA LEU A 14 -18.55 -15.83 -0.90
C LEU A 14 -18.12 -14.37 -0.75
N HIS A 15 -19.09 -13.46 -0.73
CA HIS A 15 -18.87 -11.99 -0.59
C HIS A 15 -18.21 -11.70 0.76
N GLN A 16 -18.74 -12.29 1.85
CA GLN A 16 -18.20 -12.18 3.23
C GLN A 16 -16.71 -12.55 3.25
N LEU A 17 -16.31 -13.57 2.48
CA LEU A 17 -14.93 -14.11 2.44
C LEU A 17 -14.14 -13.48 1.28
N GLN A 18 -14.65 -12.38 0.72
CA GLN A 18 -13.96 -11.49 -0.26
C GLN A 18 -13.90 -12.13 -1.65
N VAL A 19 -14.61 -13.24 -1.89
CA VAL A 19 -14.68 -13.91 -3.23
C VAL A 19 -15.77 -13.21 -4.04
N ASP A 20 -15.37 -12.12 -4.73
CA ASP A 20 -16.29 -11.17 -5.43
C ASP A 20 -16.23 -11.38 -6.96
N THR A 21 -15.69 -12.52 -7.42
CA THR A 21 -15.78 -12.99 -8.83
C THR A 21 -16.04 -14.51 -8.86
N VAL A 22 -17.08 -14.92 -9.59
CA VAL A 22 -17.48 -16.34 -9.76
C VAL A 22 -17.11 -16.77 -11.18
N PHE A 23 -16.38 -17.88 -11.32
CA PHE A 23 -15.93 -18.44 -12.62
C PHE A 23 -16.86 -19.58 -13.04
N GLY A 24 -16.82 -19.94 -14.32
CA GLY A 24 -17.64 -20.99 -14.93
C GLY A 24 -18.24 -20.53 -16.25
N LEU A 25 -18.84 -21.45 -17.00
CA LEU A 25 -19.60 -21.17 -18.25
C LEU A 25 -21.09 -21.34 -17.94
N PRO A 26 -21.96 -20.36 -18.28
CA PRO A 26 -23.39 -20.51 -18.05
C PRO A 26 -23.96 -21.77 -18.72
N GLY A 27 -24.77 -22.55 -17.98
CA GLY A 27 -25.36 -23.81 -18.44
C GLY A 27 -26.71 -24.06 -17.80
N ASP A 28 -27.52 -24.94 -18.38
CA ASP A 28 -28.86 -25.31 -17.85
C ASP A 28 -28.67 -25.96 -16.47
N PHE A 29 -29.62 -25.75 -15.55
CA PHE A 29 -29.67 -26.32 -14.17
C PHE A 29 -28.87 -25.44 -13.19
N ASN A 30 -28.15 -24.43 -13.68
CA ASN A 30 -27.48 -23.40 -12.83
C ASN A 30 -27.88 -21.98 -13.27
N LEU A 31 -28.59 -21.82 -14.39
CA LEU A 31 -29.01 -20.50 -14.93
C LEU A 31 -29.80 -19.75 -13.85
N ALA A 32 -30.74 -20.43 -13.18
CA ALA A 32 -31.55 -19.89 -12.05
C ALA A 32 -30.63 -19.37 -10.95
N LEU A 33 -29.51 -20.07 -10.71
CA LEU A 33 -28.49 -19.74 -9.68
C LEU A 33 -27.71 -18.49 -10.09
N LEU A 34 -27.41 -18.31 -11.38
CA LEU A 34 -26.58 -17.19 -11.90
C LEU A 34 -27.33 -15.86 -11.78
N ASP A 35 -28.67 -15.91 -11.74
CA ASP A 35 -29.54 -14.73 -11.53
C ASP A 35 -29.28 -14.13 -10.14
N LYS A 36 -28.94 -14.98 -9.16
CA LYS A 36 -28.76 -14.61 -7.74
C LYS A 36 -27.54 -13.68 -7.59
N ILE A 37 -26.51 -13.86 -8.43
CA ILE A 37 -25.24 -13.08 -8.38
C ILE A 37 -25.56 -11.58 -8.43
N TYR A 38 -26.52 -11.18 -9.28
CA TYR A 38 -26.87 -9.75 -9.55
C TYR A 38 -27.88 -9.24 -8.50
N GLU A 39 -28.17 -10.05 -7.47
CA GLU A 39 -28.88 -9.60 -6.24
C GLU A 39 -27.84 -9.12 -5.21
N VAL A 40 -26.65 -9.73 -5.23
CA VAL A 40 -25.53 -9.41 -4.29
C VAL A 40 -24.71 -8.26 -4.88
N ASP A 41 -24.69 -7.12 -4.18
CA ASP A 41 -23.87 -5.93 -4.54
C ASP A 41 -22.39 -6.29 -4.42
N GLY A 42 -21.62 -6.10 -5.49
CA GLY A 42 -20.16 -6.29 -5.52
C GLY A 42 -19.74 -7.51 -6.34
N MET A 43 -20.57 -8.55 -6.40
CA MET A 43 -20.27 -9.82 -7.13
C MET A 43 -20.26 -9.53 -8.64
N ARG A 44 -19.50 -10.31 -9.42
CA ARG A 44 -19.53 -10.29 -10.91
C ARG A 44 -19.32 -11.71 -11.44
N TRP A 45 -19.90 -11.99 -12.61
CA TRP A 45 -19.80 -13.29 -13.32
C TRP A 45 -18.72 -13.16 -14.40
N ALA A 46 -17.53 -13.71 -14.16
CA ALA A 46 -16.35 -13.64 -15.05
C ALA A 46 -16.73 -14.05 -16.48
N GLY A 47 -17.54 -15.10 -16.64
CA GLY A 47 -18.00 -15.61 -17.94
C GLY A 47 -16.83 -16.11 -18.79
N ASN A 48 -16.32 -17.31 -18.47
CA ASN A 48 -15.15 -17.94 -19.16
C ASN A 48 -15.64 -18.73 -20.38
N ALA A 49 -14.74 -19.08 -21.29
CA ALA A 49 -15.02 -19.73 -22.58
C ALA A 49 -15.52 -21.17 -22.37
N ASN A 50 -14.91 -21.89 -21.43
CA ASN A 50 -15.28 -23.28 -21.06
C ASN A 50 -14.87 -23.51 -19.59
N GLU A 51 -15.14 -24.70 -19.07
CA GLU A 51 -14.98 -25.03 -17.62
C GLU A 51 -13.51 -25.25 -17.31
N LEU A 52 -12.79 -26.00 -18.14
CA LEU A 52 -11.33 -26.27 -17.94
C LEU A 52 -10.63 -24.93 -17.67
N ASN A 53 -10.85 -23.95 -18.55
CA ASN A 53 -10.29 -22.57 -18.49
C ASN A 53 -10.70 -21.89 -17.18
N ALA A 54 -11.98 -22.02 -16.81
CA ALA A 54 -12.60 -21.41 -15.60
C ALA A 54 -11.90 -21.92 -14.34
N GLY A 55 -11.53 -23.20 -14.31
CA GLY A 55 -10.82 -23.83 -13.18
C GLY A 55 -9.43 -23.24 -13.03
N TYR A 56 -8.69 -23.09 -14.14
CA TYR A 56 -7.39 -22.39 -14.19
C TYR A 56 -7.57 -20.98 -13.64
N ALA A 57 -8.55 -20.24 -14.18
CA ALA A 57 -8.91 -18.86 -13.77
C ALA A 57 -9.12 -18.83 -12.25
N ALA A 58 -10.02 -19.69 -11.76
CA ALA A 58 -10.39 -19.81 -10.32
C ALA A 58 -9.12 -20.03 -9.47
N ASP A 59 -8.25 -20.96 -9.88
CA ASP A 59 -6.96 -21.26 -9.21
C ASP A 59 -6.17 -19.95 -9.06
N GLY A 60 -5.84 -19.30 -10.19
CA GLY A 60 -5.13 -18.01 -10.21
C GLY A 60 -5.75 -17.01 -9.25
N TYR A 61 -7.08 -16.88 -9.28
CA TYR A 61 -7.87 -15.95 -8.43
C TYR A 61 -7.64 -16.26 -6.95
N ALA A 62 -7.61 -17.55 -6.61
CA ALA A 62 -7.46 -18.06 -5.22
C ALA A 62 -6.07 -17.70 -4.68
N ARG A 63 -5.05 -17.72 -5.54
CA ARG A 63 -3.64 -17.45 -5.14
C ARG A 63 -3.45 -15.97 -4.81
N VAL A 64 -4.38 -15.09 -5.22
CA VAL A 64 -4.33 -13.61 -5.03
C VAL A 64 -5.38 -13.17 -4.00
N ASN A 65 -6.45 -13.95 -3.80
CA ASN A 65 -7.48 -13.67 -2.76
C ASN A 65 -6.79 -13.64 -1.39
N PRO A 66 -7.12 -12.68 -0.50
CA PRO A 66 -6.54 -12.62 0.84
C PRO A 66 -6.71 -13.94 1.63
N ASN A 67 -7.88 -14.59 1.50
CA ASN A 67 -8.25 -15.82 2.23
C ASN A 67 -7.90 -17.09 1.43
N GLY A 68 -7.30 -16.95 0.26
CA GLY A 68 -6.85 -18.10 -0.57
C GLY A 68 -8.00 -18.88 -1.15
N LEU A 69 -9.14 -18.22 -1.37
CA LEU A 69 -10.44 -18.83 -1.78
C LEU A 69 -10.87 -18.32 -3.15
N ALA A 70 -11.55 -19.18 -3.92
CA ALA A 70 -12.16 -18.87 -5.22
C ALA A 70 -13.42 -19.71 -5.41
N ALA A 71 -14.41 -19.19 -6.13
CA ALA A 71 -15.74 -19.82 -6.39
C ALA A 71 -15.86 -20.18 -7.87
N LEU A 72 -16.08 -21.48 -8.16
CA LEU A 72 -16.28 -22.00 -9.53
C LEU A 72 -17.65 -22.69 -9.60
N VAL A 73 -18.49 -22.29 -10.56
CA VAL A 73 -19.82 -22.91 -10.84
C VAL A 73 -19.67 -23.82 -12.07
N SER A 74 -20.19 -25.04 -11.99
CA SER A 74 -20.23 -26.05 -13.07
C SER A 74 -21.66 -26.57 -13.25
N THR A 75 -21.88 -27.42 -14.25
CA THR A 75 -23.18 -28.07 -14.58
C THR A 75 -22.95 -29.56 -14.82
N PHE A 76 -23.99 -30.39 -14.61
CA PHE A 76 -24.03 -31.84 -14.89
C PHE A 76 -23.54 -32.12 -16.34
N GLY A 77 -22.64 -33.09 -16.51
CA GLY A 77 -22.22 -33.63 -17.81
C GLY A 77 -21.08 -32.84 -18.45
N VAL A 78 -21.41 -32.01 -19.45
CA VAL A 78 -20.46 -31.14 -20.21
C VAL A 78 -19.54 -30.40 -19.22
N GLY A 79 -20.14 -29.82 -18.17
CA GLY A 79 -19.50 -28.93 -17.18
C GLY A 79 -18.29 -29.57 -16.50
N GLU A 80 -18.25 -30.90 -16.39
CA GLU A 80 -17.10 -31.68 -15.85
C GLU A 80 -17.29 -33.16 -16.19
N ASN A 85 -9.18 -31.76 -13.85
CA ASN A 85 -7.81 -31.52 -14.37
C ASN A 85 -7.33 -30.12 -13.94
N ALA A 86 -8.17 -29.10 -14.12
CA ALA A 86 -8.00 -27.76 -13.52
C ALA A 86 -8.14 -27.87 -12.00
N ILE A 87 -8.91 -28.87 -11.53
CA ILE A 87 -9.21 -29.19 -10.10
C ILE A 87 -8.30 -30.34 -9.62
N ALA A 88 -7.90 -31.25 -10.51
CA ALA A 88 -6.94 -32.35 -10.22
C ALA A 88 -5.57 -31.76 -9.83
N GLY A 89 -5.15 -30.71 -10.53
CA GLY A 89 -3.87 -30.01 -10.30
C GLY A 89 -3.97 -28.91 -9.26
N SER A 90 -5.19 -28.49 -8.92
CA SER A 90 -5.51 -27.58 -7.79
C SER A 90 -5.37 -28.33 -6.47
N TYR A 91 -5.82 -29.58 -6.42
CA TYR A 91 -5.84 -30.46 -5.22
C TYR A 91 -4.40 -30.78 -4.78
N SER A 92 -3.56 -31.22 -5.72
CA SER A 92 -2.16 -31.68 -5.48
C SER A 92 -1.25 -30.49 -5.12
N GLU A 93 -1.64 -29.26 -5.47
CA GLU A 93 -0.89 -28.01 -5.16
C GLU A 93 -1.61 -27.19 -4.08
N HIS A 94 -2.59 -27.79 -3.39
CA HIS A 94 -3.34 -27.19 -2.25
C HIS A 94 -3.82 -25.78 -2.63
N VAL A 95 -4.99 -25.65 -3.27
CA VAL A 95 -5.68 -24.35 -3.48
C VAL A 95 -7.18 -24.53 -3.24
N GLY A 96 -7.77 -23.67 -2.41
CA GLY A 96 -9.13 -23.83 -1.86
C GLY A 96 -10.21 -23.33 -2.81
N ILE A 97 -10.43 -24.03 -3.93
CA ILE A 97 -11.50 -23.71 -4.92
C ILE A 97 -12.82 -24.29 -4.42
N ILE A 98 -13.84 -23.44 -4.23
CA ILE A 98 -15.23 -23.83 -3.87
C ILE A 98 -15.97 -24.21 -5.16
N ASN A 99 -16.14 -25.51 -5.40
CA ASN A 99 -16.86 -26.09 -6.57
C ASN A 99 -18.36 -26.20 -6.26
N LEU A 100 -19.20 -25.43 -6.93
CA LEU A 100 -20.69 -25.60 -6.88
C LEU A 100 -21.16 -26.19 -8.22
N VAL A 101 -21.49 -27.49 -8.23
CA VAL A 101 -22.01 -28.22 -9.42
C VAL A 101 -23.54 -28.17 -9.39
N GLY A 102 -24.16 -27.62 -10.45
CA GLY A 102 -25.62 -27.61 -10.66
C GLY A 102 -26.09 -28.91 -11.27
N VAL A 103 -26.97 -29.65 -10.57
CA VAL A 103 -27.45 -31.00 -10.96
C VAL A 103 -28.97 -30.97 -11.13
N PRO A 104 -29.57 -31.76 -12.04
CA PRO A 104 -31.02 -31.81 -12.21
C PRO A 104 -31.83 -32.17 -10.95
N SER A 105 -33.14 -31.91 -10.98
CA SER A 105 -34.12 -32.18 -9.90
C SER A 105 -34.80 -33.53 -10.15
N PHE A 131 -15.46 -38.15 -9.27
CA PHE A 131 -14.16 -37.49 -8.98
C PHE A 131 -14.07 -37.12 -7.49
N LYS A 132 -14.50 -38.02 -6.60
CA LYS A 132 -14.41 -37.85 -5.12
C LYS A 132 -12.94 -37.93 -4.69
N ASN A 133 -12.05 -38.28 -5.62
CA ASN A 133 -10.58 -38.42 -5.40
C ASN A 133 -9.91 -37.04 -5.39
N ILE A 134 -10.28 -36.15 -6.33
CA ILE A 134 -9.59 -34.85 -6.60
C ILE A 134 -10.44 -33.69 -6.06
N SER A 135 -10.90 -33.81 -4.80
CA SER A 135 -11.66 -32.79 -4.02
C SER A 135 -11.81 -33.28 -2.58
N GLN A 136 -11.48 -32.41 -1.60
CA GLN A 136 -11.43 -32.74 -0.14
C GLN A 136 -12.76 -33.36 0.29
N THR A 137 -13.82 -32.54 0.40
CA THR A 137 -15.16 -32.93 0.92
C THR A 137 -16.20 -32.77 -0.19
N SER A 138 -17.00 -33.83 -0.42
CA SER A 138 -18.23 -33.80 -1.27
C SER A 138 -19.41 -33.39 -0.37
N ALA A 139 -20.34 -32.59 -0.90
CA ALA A 139 -21.60 -32.21 -0.23
C ALA A 139 -22.76 -32.23 -1.25
N PHE A 140 -23.75 -33.08 -1.01
CA PHE A 140 -25.00 -33.20 -1.81
C PHE A 140 -26.15 -32.60 -0.99
N ILE A 141 -26.66 -31.43 -1.42
CA ILE A 141 -27.75 -30.70 -0.71
C ILE A 141 -29.08 -31.32 -1.13
N SER A 142 -29.58 -32.27 -0.34
CA SER A 142 -30.90 -32.95 -0.51
C SER A 142 -31.93 -32.29 0.42
N ASP A 143 -31.53 -32.02 1.67
CA ASP A 143 -32.41 -31.52 2.77
C ASP A 143 -32.21 -30.02 2.92
N PRO A 144 -33.25 -29.18 2.67
CA PRO A 144 -33.11 -27.73 2.80
C PRO A 144 -33.03 -27.20 4.25
N ASN A 145 -33.07 -28.09 5.25
CA ASN A 145 -32.87 -27.75 6.67
C ASN A 145 -31.37 -27.55 6.94
N THR A 146 -30.54 -28.53 6.54
CA THR A 146 -29.07 -28.58 6.82
C THR A 146 -28.25 -28.02 5.64
N ALA A 147 -28.91 -27.58 4.57
CA ALA A 147 -28.28 -27.07 3.32
C ALA A 147 -27.27 -25.95 3.64
N ALA A 148 -27.74 -24.90 4.32
CA ALA A 148 -26.94 -23.74 4.76
C ALA A 148 -25.70 -24.24 5.52
N SER A 149 -25.92 -25.07 6.55
CA SER A 149 -24.87 -25.68 7.40
C SER A 149 -23.87 -26.47 6.54
N GLU A 150 -24.36 -27.25 5.58
CA GLU A 150 -23.55 -28.09 4.65
C GLU A 150 -22.66 -27.19 3.79
N ILE A 151 -23.22 -26.12 3.22
CA ILE A 151 -22.49 -25.08 2.43
C ILE A 151 -21.38 -24.49 3.31
N ASP A 152 -21.72 -24.07 4.53
CA ASP A 152 -20.78 -23.44 5.50
C ASP A 152 -19.62 -24.40 5.79
N ARG A 153 -19.93 -25.69 6.05
CA ARG A 153 -18.94 -26.75 6.36
C ARG A 153 -17.92 -26.87 5.22
N CYS A 154 -18.39 -26.77 3.98
CA CYS A 154 -17.61 -26.89 2.72
C CYS A 154 -16.71 -25.66 2.53
N ILE A 155 -17.27 -24.47 2.68
CA ILE A 155 -16.54 -23.17 2.62
C ILE A 155 -15.44 -23.17 3.69
N ARG A 156 -15.74 -23.67 4.90
CA ARG A 156 -14.76 -23.78 6.02
C ARG A 156 -13.62 -24.71 5.59
N ASP A 157 -13.97 -25.88 5.06
CA ASP A 157 -13.00 -26.94 4.66
C ASP A 157 -12.12 -26.44 3.52
N ALA A 158 -12.69 -25.75 2.54
CA ALA A 158 -11.94 -25.08 1.46
C ALA A 158 -10.87 -24.19 2.11
N TYR A 159 -11.29 -23.27 2.98
CA TYR A 159 -10.43 -22.22 3.59
C TYR A 159 -9.31 -22.84 4.44
N VAL A 160 -9.68 -23.75 5.35
CA VAL A 160 -8.77 -24.30 6.40
C VAL A 160 -7.73 -25.22 5.75
N TYR A 161 -8.20 -26.21 5.00
CA TYR A 161 -7.36 -27.28 4.38
C TYR A 161 -6.80 -26.81 3.04
N GLN A 162 -7.29 -25.67 2.52
CA GLN A 162 -6.82 -25.07 1.24
C GLN A 162 -6.80 -26.16 0.18
N ARG A 163 -7.96 -26.71 -0.17
CA ARG A 163 -8.14 -27.71 -1.25
C ARG A 163 -9.54 -27.60 -1.85
N PRO A 164 -9.75 -28.09 -3.09
CA PRO A 164 -11.06 -28.02 -3.74
C PRO A 164 -12.17 -28.71 -2.94
N VAL A 165 -13.42 -28.29 -3.17
CA VAL A 165 -14.62 -28.70 -2.40
C VAL A 165 -15.84 -28.67 -3.32
N TYR A 166 -16.39 -29.83 -3.68
CA TYR A 166 -17.61 -29.99 -4.52
C TYR A 166 -18.85 -29.72 -3.65
N ILE A 167 -19.85 -29.01 -4.20
CA ILE A 167 -21.14 -28.69 -3.54
C ILE A 167 -22.29 -28.93 -4.53
N GLY A 168 -22.93 -30.10 -4.45
CA GLY A 168 -24.09 -30.48 -5.27
C GLY A 168 -25.35 -29.70 -4.87
N LEU A 169 -25.98 -29.02 -5.82
CA LEU A 169 -27.18 -28.17 -5.58
C LEU A 169 -28.21 -28.42 -6.69
N PRO A 170 -29.22 -29.30 -6.45
CA PRO A 170 -30.32 -29.50 -7.39
C PRO A 170 -31.10 -28.20 -7.70
N SER A 171 -31.51 -28.02 -8.96
CA SER A 171 -32.17 -26.80 -9.50
C SER A 171 -33.35 -26.39 -8.63
N ASN A 172 -34.15 -27.37 -8.19
CA ASN A 172 -35.41 -27.16 -7.41
C ASN A 172 -35.10 -26.49 -6.06
N LEU A 173 -33.87 -26.61 -5.54
CA LEU A 173 -33.50 -26.18 -4.17
C LEU A 173 -32.84 -24.79 -4.17
N VAL A 174 -32.42 -24.27 -5.34
CA VAL A 174 -31.67 -22.99 -5.44
C VAL A 174 -32.58 -21.82 -5.02
N ASP A 175 -33.91 -22.03 -5.03
CA ASP A 175 -34.93 -20.98 -4.76
C ASP A 175 -35.70 -21.30 -3.47
N VAL A 176 -35.08 -22.04 -2.53
CA VAL A 176 -35.69 -22.39 -1.22
C VAL A 176 -35.27 -21.32 -0.20
N LYS A 177 -36.25 -20.68 0.45
CA LYS A 177 -36.05 -19.55 1.39
C LYS A 177 -35.39 -20.08 2.68
N VAL A 178 -34.47 -19.31 3.24
CA VAL A 178 -33.83 -19.58 4.58
C VAL A 178 -33.66 -18.25 5.29
N PRO A 179 -33.59 -18.24 6.65
CA PRO A 179 -33.44 -16.99 7.41
C PRO A 179 -32.16 -16.22 7.02
N LYS A 180 -32.27 -14.89 6.95
CA LYS A 180 -31.14 -13.96 6.68
C LYS A 180 -30.20 -13.95 7.90
N SER A 181 -30.70 -14.34 9.08
CA SER A 181 -29.95 -14.41 10.36
C SER A 181 -28.82 -15.46 10.29
N LEU A 182 -28.93 -16.44 9.38
CA LEU A 182 -27.90 -17.49 9.16
C LEU A 182 -26.57 -16.85 8.76
N LEU A 183 -26.60 -15.71 8.03
CA LEU A 183 -25.39 -14.99 7.53
C LEU A 183 -24.64 -14.32 8.69
N ASP A 184 -25.35 -13.96 9.77
CA ASP A 184 -24.79 -13.26 10.96
C ASP A 184 -23.92 -14.23 11.76
N LYS A 185 -24.34 -15.50 11.85
CA LYS A 185 -23.53 -16.61 12.43
C LYS A 185 -22.41 -16.92 11.44
N LYS A 186 -21.30 -16.17 11.52
CA LYS A 186 -20.23 -16.22 10.50
C LYS A 186 -19.52 -17.57 10.62
N ILE A 187 -19.09 -18.13 9.49
CA ILE A 187 -18.44 -19.46 9.40
C ILE A 187 -17.17 -19.42 10.26
N ASP A 188 -17.04 -20.35 11.20
CA ASP A 188 -15.79 -20.54 12.00
C ASP A 188 -14.71 -21.03 11.03
N LEU A 189 -13.60 -20.31 10.93
CA LEU A 189 -12.45 -20.66 10.04
C LEU A 189 -11.21 -20.92 10.88
N SER A 190 -11.36 -21.04 12.20
CA SER A 190 -10.24 -21.26 13.15
C SER A 190 -9.68 -22.67 12.97
N LEU A 191 -8.37 -22.83 13.15
CA LEU A 191 -7.68 -24.15 13.23
C LEU A 191 -7.99 -24.77 14.60
N HIS A 192 -8.22 -26.08 14.66
CA HIS A 192 -8.31 -26.86 15.92
C HIS A 192 -6.92 -26.86 16.55
N PRO A 193 -6.75 -26.33 17.79
CA PRO A 193 -5.41 -26.16 18.38
C PRO A 193 -4.60 -27.46 18.39
N ASN A 194 -3.29 -27.37 18.15
CA ASN A 194 -2.33 -28.49 18.30
C ASN A 194 -2.40 -28.98 19.74
N GLU A 195 -2.46 -30.30 19.95
CA GLU A 195 -2.42 -30.95 21.29
C GLU A 195 -1.09 -30.57 21.94
N PRO A 196 -1.09 -29.85 23.08
CA PRO A 196 0.13 -29.31 23.67
C PRO A 196 1.34 -30.26 23.78
N GLU A 197 1.09 -31.55 24.06
CA GLU A 197 2.16 -32.57 24.30
C GLU A 197 3.00 -32.74 23.03
N SER A 198 2.38 -33.17 21.93
CA SER A 198 3.04 -33.35 20.61
C SER A 198 3.75 -32.06 20.20
N GLN A 199 3.06 -30.92 20.35
CA GLN A 199 3.61 -29.56 20.07
C GLN A 199 4.85 -29.33 20.93
N ALA A 200 4.74 -29.55 22.24
CA ALA A 200 5.83 -29.35 23.22
C ALA A 200 7.01 -30.28 22.88
N GLU A 201 6.73 -31.55 22.55
CA GLU A 201 7.76 -32.57 22.19
C GLU A 201 8.51 -32.15 20.92
N VAL A 202 7.81 -31.51 19.97
CA VAL A 202 8.38 -31.09 18.65
C VAL A 202 9.26 -29.84 18.87
N VAL A 203 8.76 -28.84 19.60
CA VAL A 203 9.47 -27.55 19.83
C VAL A 203 10.68 -27.82 20.74
N GLU A 204 10.57 -28.76 21.67
CA GLU A 204 11.69 -29.30 22.49
C GLU A 204 12.77 -29.88 21.57
N THR A 205 12.44 -30.96 20.86
CA THR A 205 13.37 -31.76 20.01
C THR A 205 14.04 -30.85 18.99
N VAL A 206 13.26 -30.10 18.21
CA VAL A 206 13.76 -29.21 17.12
C VAL A 206 14.86 -28.31 17.70
N GLU A 207 14.60 -27.70 18.86
CA GLU A 207 15.51 -26.72 19.51
C GLU A 207 16.80 -27.41 19.96
N LYS A 208 16.75 -28.71 20.27
CA LYS A 208 17.96 -29.50 20.64
C LYS A 208 18.88 -29.59 19.42
N PHE A 209 18.34 -29.94 18.24
CA PHE A 209 19.10 -30.12 16.97
C PHE A 209 19.73 -28.77 16.57
N ILE A 210 18.98 -27.68 16.79
CA ILE A 210 19.40 -26.29 16.48
C ILE A 210 20.67 -25.96 17.29
N SER A 211 20.69 -26.33 18.57
CA SER A 211 21.84 -26.15 19.50
C SER A 211 23.05 -26.94 18.99
N GLU A 212 22.83 -28.18 18.55
CA GLU A 212 23.87 -29.10 18.00
C GLU A 212 24.35 -28.59 16.64
N ALA A 213 23.46 -27.95 15.88
CA ALA A 213 23.67 -27.55 14.47
C ALA A 213 24.84 -26.56 14.34
N SER A 214 25.83 -26.92 13.50
CA SER A 214 26.99 -26.08 13.10
C SER A 214 26.56 -25.12 12.00
N ASN A 215 26.11 -25.66 10.86
CA ASN A 215 25.67 -24.89 9.66
C ASN A 215 24.23 -25.26 9.33
N PRO A 216 23.24 -24.79 10.12
CA PRO A 216 21.83 -24.91 9.75
C PRO A 216 21.43 -24.01 8.57
N VAL A 217 20.42 -24.45 7.82
CA VAL A 217 19.75 -23.67 6.72
C VAL A 217 18.24 -23.81 6.89
N ILE A 218 17.50 -22.85 6.36
CA ILE A 218 16.01 -22.88 6.24
C ILE A 218 15.66 -23.11 4.75
N LEU A 219 14.66 -23.96 4.50
CA LEU A 219 14.15 -24.28 3.14
C LEU A 219 12.63 -24.11 3.16
N VAL A 220 12.10 -23.20 2.34
CA VAL A 220 10.65 -22.84 2.34
C VAL A 220 10.05 -23.30 1.01
N ASP A 221 9.00 -24.14 1.09
CA ASP A 221 8.25 -24.67 -0.08
C ASP A 221 6.86 -24.03 -0.07
N ALA A 222 6.02 -24.35 -1.07
CA ALA A 222 4.73 -23.70 -1.36
C ALA A 222 3.81 -23.67 -0.13
N CYS A 223 3.63 -24.81 0.55
CA CYS A 223 2.64 -24.96 1.65
C CYS A 223 2.83 -23.88 2.73
N ALA A 224 4.03 -23.29 2.81
CA ALA A 224 4.34 -22.12 3.67
C ALA A 224 3.46 -20.94 3.23
N ILE A 225 3.41 -20.67 1.92
CA ILE A 225 2.55 -19.62 1.29
C ILE A 225 1.08 -19.99 1.54
N ARG A 226 0.72 -21.23 1.25
CA ARG A 226 -0.68 -21.73 1.24
C ARG A 226 -1.31 -21.53 2.62
N HIS A 227 -0.68 -22.05 3.67
CA HIS A 227 -1.23 -22.09 5.06
C HIS A 227 -0.76 -20.85 5.86
N ASN A 228 -0.36 -19.79 5.15
CA ASN A 228 -0.23 -18.42 5.70
C ASN A 228 0.86 -18.40 6.78
N CYS A 229 2.09 -18.77 6.40
CA CYS A 229 3.26 -18.85 7.32
C CYS A 229 4.44 -18.03 6.77
N LEU A 230 4.17 -16.83 6.24
CA LEU A 230 5.20 -15.98 5.57
C LEU A 230 5.81 -14.99 6.58
N LYS A 231 4.99 -14.36 7.42
CA LYS A 231 5.46 -13.53 8.57
C LYS A 231 6.23 -14.43 9.54
N GLU A 232 5.69 -15.62 9.82
CA GLU A 232 6.33 -16.67 10.64
C GLU A 232 7.73 -16.94 10.09
N VAL A 233 7.86 -17.16 8.77
CA VAL A 233 9.15 -17.47 8.09
C VAL A 233 10.07 -16.25 8.22
N ALA A 234 9.52 -15.05 7.97
CA ALA A 234 10.22 -13.76 8.13
C ALA A 234 10.78 -13.65 9.55
N GLU A 235 9.92 -13.89 10.55
CA GLU A 235 10.27 -13.85 11.99
C GLU A 235 11.39 -14.86 12.25
N LEU A 236 11.29 -16.07 11.67
CA LEU A 236 12.26 -17.18 11.87
C LEU A 236 13.63 -16.81 11.31
N ILE A 237 13.68 -16.17 10.14
CA ILE A 237 14.96 -15.75 9.49
C ILE A 237 15.65 -14.74 10.42
N ALA A 238 14.89 -13.79 10.96
CA ALA A 238 15.37 -12.69 11.84
C ALA A 238 15.99 -13.31 13.11
N GLU A 239 15.24 -14.17 13.79
CA GLU A 239 15.55 -14.67 15.14
C GLU A 239 16.68 -15.70 15.10
N THR A 240 17.00 -16.26 13.92
CA THR A 240 18.05 -17.31 13.77
C THR A 240 19.28 -16.78 13.02
N GLN A 241 19.08 -15.88 12.05
CA GLN A 241 20.12 -15.38 11.12
C GLN A 241 20.72 -16.55 10.33
N PHE A 242 19.92 -17.58 10.05
CA PHE A 242 20.31 -18.75 9.23
C PHE A 242 20.15 -18.43 7.76
N PRO A 243 20.99 -19.00 6.86
CA PRO A 243 20.70 -18.98 5.43
C PRO A 243 19.29 -19.52 5.18
N VAL A 244 18.58 -18.93 4.22
CA VAL A 244 17.22 -19.38 3.80
C VAL A 244 17.22 -19.54 2.29
N PHE A 245 16.63 -20.63 1.79
CA PHE A 245 16.44 -20.95 0.35
C PHE A 245 14.98 -21.37 0.17
N THR A 246 14.44 -21.24 -1.03
CA THR A 246 13.07 -21.70 -1.39
C THR A 246 13.17 -22.73 -2.51
N THR A 247 12.11 -23.52 -2.70
CA THR A 247 11.93 -24.39 -3.88
C THR A 247 11.47 -23.50 -5.03
N PRO A 248 11.45 -23.99 -6.30
CA PRO A 248 10.78 -23.26 -7.38
C PRO A 248 9.33 -22.95 -6.98
N MET A 249 8.58 -23.97 -6.56
CA MET A 249 7.15 -23.88 -6.16
C MET A 249 6.99 -22.95 -4.96
N GLY A 250 8.00 -22.85 -4.09
CA GLY A 250 7.96 -22.00 -2.88
C GLY A 250 8.62 -20.64 -3.09
N LYS A 251 8.89 -20.27 -4.35
CA LYS A 251 9.54 -18.97 -4.71
C LYS A 251 8.50 -17.85 -4.51
N SER A 252 8.91 -16.75 -3.87
CA SER A 252 8.09 -15.57 -3.51
C SER A 252 7.54 -15.71 -2.09
N SER A 253 7.81 -16.83 -1.41
CA SER A 253 7.55 -17.06 0.04
C SER A 253 8.47 -16.17 0.89
N VAL A 254 9.65 -15.85 0.37
CA VAL A 254 10.73 -15.09 1.07
C VAL A 254 11.16 -13.93 0.17
N ASP A 255 11.19 -12.71 0.72
CA ASP A 255 11.76 -11.51 0.05
C ASP A 255 13.21 -11.82 -0.33
N GLU A 256 13.51 -11.87 -1.63
CA GLU A 256 14.82 -12.32 -2.19
C GLU A 256 15.88 -11.23 -2.05
N SER A 257 15.52 -10.08 -1.47
CA SER A 257 16.44 -8.95 -1.13
C SER A 257 16.94 -9.10 0.31
N ASN A 258 16.24 -9.91 1.12
CA ASN A 258 16.72 -10.36 2.44
C ASN A 258 18.16 -10.82 2.28
N PRO A 259 19.13 -10.26 3.06
CA PRO A 259 20.54 -10.63 2.92
C PRO A 259 20.84 -12.07 3.34
N ARG A 260 19.88 -12.74 3.98
CA ARG A 260 20.00 -14.15 4.42
C ARG A 260 19.52 -15.10 3.29
N PHE A 261 18.79 -14.58 2.30
CA PHE A 261 18.31 -15.39 1.14
C PHE A 261 19.52 -15.79 0.27
N GLY A 262 19.65 -17.08 0.01
CA GLY A 262 20.81 -17.66 -0.73
C GLY A 262 20.39 -18.40 -1.98
N GLY A 263 19.17 -18.15 -2.48
CA GLY A 263 18.74 -18.58 -3.83
C GLY A 263 17.72 -19.71 -3.80
N VAL A 264 17.54 -20.38 -4.95
CA VAL A 264 16.47 -21.39 -5.19
C VAL A 264 17.12 -22.75 -5.41
N TYR A 265 16.91 -23.67 -4.45
CA TYR A 265 17.42 -25.07 -4.47
C TYR A 265 16.55 -25.88 -5.45
N VAL A 266 17.19 -26.57 -6.39
CA VAL A 266 16.54 -27.53 -7.34
C VAL A 266 17.42 -28.79 -7.42
N GLY A 267 17.96 -29.25 -6.28
CA GLY A 267 18.83 -30.43 -6.18
C GLY A 267 20.00 -30.36 -7.14
N SER A 268 20.15 -31.38 -8.01
CA SER A 268 21.23 -31.51 -9.02
C SER A 268 21.27 -30.28 -9.93
N LEU A 269 20.10 -29.74 -10.29
CA LEU A 269 19.93 -28.67 -11.31
C LEU A 269 20.21 -27.28 -10.70
N SER A 270 20.40 -27.19 -9.38
CA SER A 270 20.80 -25.95 -8.66
C SER A 270 22.18 -25.49 -9.15
N SER A 271 22.44 -24.18 -9.13
CA SER A 271 23.79 -23.60 -9.38
C SER A 271 24.76 -24.22 -8.38
N PRO A 272 26.03 -24.46 -8.75
CA PRO A 272 26.98 -25.15 -7.87
C PRO A 272 27.09 -24.53 -6.47
N ASP A 273 27.00 -23.20 -6.37
CA ASP A 273 27.19 -22.43 -5.11
C ASP A 273 25.95 -22.58 -4.22
N VAL A 274 24.75 -22.65 -4.82
CA VAL A 274 23.46 -22.88 -4.10
C VAL A 274 23.36 -24.36 -3.70
N LYS A 275 23.69 -25.26 -4.63
CA LYS A 275 23.77 -26.73 -4.38
C LYS A 275 24.66 -26.99 -3.16
N GLU A 276 25.80 -26.29 -3.07
CA GLU A 276 26.81 -26.45 -1.99
C GLU A 276 26.21 -26.03 -0.64
N ALA A 277 25.72 -24.80 -0.54
CA ALA A 277 25.24 -24.15 0.71
C ALA A 277 24.16 -25.02 1.39
N VAL A 278 23.23 -25.60 0.61
CA VAL A 278 22.09 -26.41 1.13
C VAL A 278 22.59 -27.82 1.50
N GLU A 279 23.33 -28.47 0.61
CA GLU A 279 23.78 -29.88 0.77
C GLU A 279 24.91 -29.99 1.81
N SER A 280 25.59 -28.88 2.12
CA SER A 280 26.66 -28.80 3.15
C SER A 280 26.05 -28.79 4.57
N ALA A 281 24.78 -28.41 4.69
CA ALA A 281 24.09 -28.18 5.98
C ALA A 281 23.96 -29.50 6.75
N ASP A 282 24.13 -29.44 8.08
CA ASP A 282 23.97 -30.58 9.02
C ASP A 282 22.53 -30.59 9.57
N LEU A 283 21.88 -29.42 9.62
CA LEU A 283 20.45 -29.24 9.98
C LEU A 283 19.73 -28.47 8.86
N VAL A 284 18.64 -29.03 8.33
CA VAL A 284 17.70 -28.39 7.37
C VAL A 284 16.35 -28.18 8.08
N LEU A 285 15.96 -26.92 8.29
CA LEU A 285 14.59 -26.55 8.74
C LEU A 285 13.71 -26.35 7.50
N SER A 286 13.20 -27.44 6.93
CA SER A 286 12.23 -27.45 5.81
C SER A 286 10.88 -26.95 6.33
N VAL A 287 10.27 -25.98 5.64
CA VAL A 287 8.99 -25.36 6.05
C VAL A 287 8.00 -25.47 4.88
N GLY A 288 7.00 -26.34 5.04
CA GLY A 288 5.90 -26.55 4.07
C GLY A 288 6.31 -27.45 2.92
N ALA A 289 7.43 -28.18 3.04
CA ALA A 289 7.85 -29.19 2.04
C ALA A 289 6.62 -30.04 1.68
N MET A 290 6.18 -29.97 0.42
CA MET A 290 4.99 -30.71 -0.09
C MET A 290 5.33 -32.21 -0.15
N LEU A 291 6.46 -32.54 -0.76
CA LEU A 291 6.99 -33.92 -0.94
C LEU A 291 6.02 -34.71 -1.83
N ARG A 306 20.24 -36.32 6.89
CA ARG A 306 20.88 -35.48 7.93
C ARG A 306 19.88 -35.27 9.08
N ASN A 307 20.06 -34.22 9.89
CA ASN A 307 18.98 -33.68 10.76
C ASN A 307 18.02 -32.86 9.88
N VAL A 308 16.86 -33.42 9.51
CA VAL A 308 15.80 -32.69 8.75
C VAL A 308 14.59 -32.52 9.66
N VAL A 309 14.19 -31.26 9.90
CA VAL A 309 12.87 -30.88 10.46
C VAL A 309 12.00 -30.43 9.28
N GLU A 310 11.00 -31.23 8.91
CA GLU A 310 9.96 -30.84 7.92
C GLU A 310 8.71 -30.40 8.68
N PHE A 311 8.31 -29.13 8.51
CA PHE A 311 7.02 -28.58 8.98
C PHE A 311 5.99 -28.73 7.86
N HIS A 312 4.94 -29.51 8.11
CA HIS A 312 3.81 -29.74 7.17
C HIS A 312 2.54 -29.19 7.83
N SER A 313 1.45 -29.14 7.06
CA SER A 313 0.12 -28.61 7.48
C SER A 313 -0.50 -29.53 8.54
N ASP A 314 -0.61 -30.83 8.24
CA ASP A 314 -1.28 -31.85 9.09
C ASP A 314 -0.31 -32.36 10.19
N TYR A 315 1.00 -32.33 9.94
CA TYR A 315 2.00 -33.02 10.78
C TYR A 315 3.36 -32.33 10.72
N THR A 316 4.27 -32.79 11.58
CA THR A 316 5.71 -32.41 11.61
C THR A 316 6.53 -33.70 11.55
N LYS A 317 7.70 -33.63 10.90
CA LYS A 317 8.66 -34.75 10.77
C LYS A 317 10.02 -34.26 11.26
N ILE A 318 10.62 -35.02 12.18
CA ILE A 318 12.01 -34.78 12.69
C ILE A 318 12.81 -36.05 12.42
N ARG A 319 13.78 -35.98 11.51
CA ARG A 319 14.50 -37.16 10.96
C ARG A 319 13.44 -38.12 10.39
N GLN A 320 13.36 -39.36 10.88
CA GLN A 320 12.39 -40.41 10.43
C GLN A 320 11.20 -40.47 11.40
N ALA A 321 11.23 -39.69 12.48
CA ALA A 321 10.11 -39.55 13.44
C ALA A 321 9.02 -38.67 12.82
N THR A 322 7.76 -39.11 12.89
CA THR A 322 6.56 -38.38 12.38
C THR A 322 5.65 -38.06 13.57
N PHE A 323 5.30 -36.78 13.75
CA PHE A 323 4.39 -36.26 14.79
C PHE A 323 3.09 -35.83 14.13
N PRO A 324 2.13 -36.74 13.85
CA PRO A 324 0.88 -36.38 13.19
C PRO A 324 0.03 -35.44 14.07
N GLY A 325 -0.63 -34.44 13.45
CA GLY A 325 -1.52 -33.49 14.13
C GLY A 325 -0.84 -32.18 14.50
N VAL A 326 0.48 -32.08 14.32
CA VAL A 326 1.27 -30.85 14.68
C VAL A 326 1.28 -29.90 13.47
N GLN A 327 0.29 -29.00 13.40
CA GLN A 327 0.08 -28.05 12.28
C GLN A 327 1.15 -26.96 12.34
N MET A 328 1.82 -26.71 11.22
CA MET A 328 3.02 -25.84 11.10
C MET A 328 2.74 -24.42 11.63
N LYS A 329 1.57 -23.87 11.34
CA LYS A 329 1.24 -22.45 11.63
C LYS A 329 1.50 -22.16 13.11
N GLU A 330 0.87 -22.95 13.99
CA GLU A 330 0.98 -22.82 15.47
C GLU A 330 2.37 -23.30 15.93
N ALA A 331 2.84 -24.44 15.41
CA ALA A 331 4.18 -25.00 15.67
C ALA A 331 5.22 -23.87 15.56
N LEU A 332 5.20 -23.15 14.43
CA LEU A 332 6.19 -22.08 14.12
C LEU A 332 6.02 -20.91 15.09
N GLN A 333 4.79 -20.51 15.41
CA GLN A 333 4.52 -19.41 16.37
C GLN A 333 5.13 -19.76 17.74
N VAL A 334 4.87 -20.97 18.23
CA VAL A 334 5.38 -21.48 19.54
C VAL A 334 6.91 -21.58 19.46
N LEU A 335 7.46 -21.90 18.27
CA LEU A 335 8.92 -22.07 18.04
C LEU A 335 9.59 -20.70 18.21
N LEU A 336 9.05 -19.68 17.55
CA LEU A 336 9.60 -18.30 17.49
C LEU A 336 9.74 -17.71 18.90
N LYS A 337 8.83 -18.06 19.82
CA LYS A 337 8.83 -17.57 21.23
C LYS A 337 10.19 -17.81 21.88
N THR A 338 10.85 -18.92 21.56
CA THR A 338 12.05 -19.43 22.29
C THR A 338 13.21 -19.81 21.34
N VAL A 339 13.02 -19.74 20.02
CA VAL A 339 13.98 -20.26 19.01
C VAL A 339 15.33 -19.53 19.14
N LYS A 340 15.31 -18.24 19.49
CA LYS A 340 16.52 -17.39 19.62
C LYS A 340 17.56 -18.07 20.50
N LYS A 341 17.14 -18.51 21.69
CA LYS A 341 18.05 -19.01 22.77
C LYS A 341 18.67 -20.35 22.36
N SER A 342 18.02 -21.09 21.44
CA SER A 342 18.45 -22.44 20.97
C SER A 342 19.66 -22.34 20.04
N VAL A 343 19.80 -21.25 19.27
CA VAL A 343 20.73 -21.15 18.10
C VAL A 343 22.10 -20.58 18.50
N ASN A 344 22.63 -20.88 19.68
CA ASN A 344 23.84 -20.19 20.21
C ASN A 344 24.94 -21.19 20.57
N PRO A 345 25.31 -22.10 19.64
CA PRO A 345 26.53 -22.88 19.79
C PRO A 345 27.75 -22.12 19.26
N LYS A 346 27.82 -20.80 19.53
CA LYS A 346 28.85 -19.87 19.00
C LYS A 346 28.71 -19.78 17.47
N TYR A 347 27.51 -20.04 16.94
CA TYR A 347 27.17 -19.93 15.50
C TYR A 347 27.59 -18.54 14.99
N VAL A 348 28.37 -18.52 13.91
CA VAL A 348 28.64 -17.32 13.07
C VAL A 348 27.68 -17.38 11.88
N PRO A 349 26.77 -16.40 11.71
CA PRO A 349 25.92 -16.33 10.52
C PRO A 349 26.73 -16.60 9.25
N ALA A 350 26.35 -17.66 8.52
CA ALA A 350 27.07 -18.19 7.35
C ALA A 350 26.81 -17.30 6.15
N PRO A 351 27.83 -17.08 5.28
CA PRO A 351 27.65 -16.25 4.10
C PRO A 351 26.83 -17.00 3.04
N VAL A 352 26.10 -16.27 2.20
CA VAL A 352 25.08 -16.84 1.28
C VAL A 352 25.38 -16.36 -0.14
N PRO A 353 25.23 -17.24 -1.16
CA PRO A 353 25.51 -16.87 -2.55
C PRO A 353 24.90 -15.53 -2.97
N PRO A 361 25.86 -8.65 -23.33
CA PRO A 361 25.32 -8.88 -24.69
C PRO A 361 25.08 -7.57 -25.46
N GLY A 362 25.55 -7.51 -26.71
CA GLY A 362 25.37 -6.35 -27.61
C GLY A 362 23.90 -5.96 -27.74
N ASN A 363 23.62 -4.65 -27.73
CA ASN A 363 22.26 -4.07 -27.88
C ASN A 363 21.57 -4.62 -29.14
N ASN A 364 22.34 -4.95 -30.19
CA ASN A 364 21.79 -5.51 -31.46
C ASN A 364 21.65 -7.04 -31.35
N ASP A 365 22.41 -7.69 -30.48
CA ASP A 365 22.39 -9.17 -30.30
C ASP A 365 20.99 -9.62 -29.89
N PRO A 366 20.52 -10.79 -30.36
CA PRO A 366 19.21 -11.30 -29.97
C PRO A 366 19.16 -11.61 -28.46
N VAL A 367 18.01 -11.34 -27.84
CA VAL A 367 17.78 -11.54 -26.38
C VAL A 367 17.86 -13.04 -26.08
N SER A 368 18.80 -13.44 -25.22
CA SER A 368 19.00 -14.84 -24.74
C SER A 368 18.15 -15.06 -23.49
N GLN A 369 17.85 -16.32 -23.17
CA GLN A 369 17.13 -16.72 -21.94
C GLN A 369 17.84 -16.06 -20.75
N GLU A 370 19.13 -16.36 -20.61
CA GLU A 370 20.03 -15.84 -19.53
C GLU A 370 19.75 -14.35 -19.27
N TYR A 371 19.79 -13.50 -20.30
CA TYR A 371 19.75 -12.02 -20.16
C TYR A 371 18.35 -11.55 -19.73
N LEU A 372 17.30 -12.17 -20.27
CA LEU A 372 15.88 -11.81 -19.96
C LEU A 372 15.65 -11.88 -18.45
N TRP A 373 15.90 -13.07 -17.86
CA TRP A 373 15.48 -13.41 -16.47
C TRP A 373 16.29 -12.61 -15.44
N ARG A 374 17.53 -12.23 -15.76
CA ARG A 374 18.37 -11.38 -14.86
C ARG A 374 17.86 -9.94 -14.90
N LYS A 375 17.62 -9.40 -16.11
CA LYS A 375 17.30 -7.97 -16.31
C LYS A 375 15.81 -7.72 -16.03
N VAL A 376 14.99 -8.76 -16.10
CA VAL A 376 13.54 -8.72 -15.72
C VAL A 376 13.44 -8.29 -14.25
N SER A 377 14.41 -8.68 -13.41
CA SER A 377 14.50 -8.36 -11.97
C SER A 377 14.40 -6.85 -11.74
N ASP A 378 15.07 -6.06 -12.58
CA ASP A 378 15.11 -4.58 -12.49
C ASP A 378 13.73 -3.96 -12.70
N TRP A 379 12.87 -4.60 -13.49
CA TRP A 379 11.56 -4.05 -13.90
C TRP A 379 10.49 -4.35 -12.84
N PHE A 380 10.60 -5.50 -12.17
CA PHE A 380 9.64 -5.95 -11.12
C PHE A 380 9.55 -4.91 -10.00
N GLN A 381 8.42 -4.86 -9.31
CA GLN A 381 8.16 -3.93 -8.17
C GLN A 381 7.32 -4.65 -7.10
N GLU A 382 7.19 -4.03 -5.91
CA GLU A 382 6.49 -4.62 -4.73
C GLU A 382 5.04 -4.99 -5.09
N GLY A 383 4.61 -6.17 -4.68
CA GLY A 383 3.21 -6.63 -4.79
C GLY A 383 2.92 -7.29 -6.12
N ASP A 384 3.92 -7.38 -7.01
CA ASP A 384 3.73 -7.90 -8.39
C ASP A 384 3.36 -9.38 -8.34
N VAL A 385 2.29 -9.76 -9.04
CA VAL A 385 1.90 -11.17 -9.30
C VAL A 385 2.74 -11.65 -10.50
N ILE A 386 3.70 -12.54 -10.26
CA ILE A 386 4.58 -13.11 -11.33
C ILE A 386 4.10 -14.52 -11.63
N ILE A 387 3.47 -14.71 -12.80
CA ILE A 387 2.91 -16.00 -13.30
C ILE A 387 3.85 -16.57 -14.37
N SER A 388 4.11 -17.87 -14.32
CA SER A 388 5.09 -18.57 -15.21
C SER A 388 4.47 -19.88 -15.70
N GLU A 389 4.55 -20.15 -17.01
CA GLU A 389 4.03 -21.39 -17.65
C GLU A 389 5.11 -22.48 -17.58
N THR A 390 4.67 -23.74 -17.43
CA THR A 390 5.49 -24.97 -17.60
C THR A 390 6.18 -24.92 -18.98
N GLY A 391 7.51 -25.09 -19.01
CA GLY A 391 8.34 -24.95 -20.22
C GLY A 391 9.53 -24.04 -19.96
N THR A 392 9.84 -23.15 -20.90
CA THR A 392 11.02 -22.22 -20.83
C THR A 392 10.79 -21.18 -19.72
N SER A 393 9.55 -20.67 -19.60
CA SER A 393 9.17 -19.64 -18.61
C SER A 393 9.35 -20.17 -17.18
N ALA A 394 8.79 -21.36 -16.89
CA ALA A 394 8.68 -21.97 -15.55
C ALA A 394 10.08 -22.12 -14.90
N PHE A 395 11.09 -22.51 -15.68
CA PHE A 395 12.47 -22.74 -15.18
C PHE A 395 13.36 -21.50 -15.41
N GLY A 396 13.04 -20.68 -16.41
CA GLY A 396 13.74 -19.40 -16.65
C GLY A 396 13.55 -18.45 -15.48
N ILE A 397 12.28 -18.21 -15.11
CA ILE A 397 11.83 -17.26 -14.05
C ILE A 397 12.48 -17.61 -12.71
N VAL A 398 12.88 -18.87 -12.52
CA VAL A 398 13.53 -19.38 -11.28
C VAL A 398 14.75 -18.50 -10.97
N GLN A 399 15.57 -18.21 -11.98
CA GLN A 399 16.86 -17.47 -11.84
C GLN A 399 16.58 -15.97 -11.63
N SER A 400 15.39 -15.49 -11.98
CA SER A 400 14.95 -14.08 -11.80
C SER A 400 14.85 -13.74 -10.31
N LYS A 401 15.25 -12.52 -9.92
CA LYS A 401 15.09 -12.00 -8.53
C LYS A 401 13.73 -11.32 -8.40
N PHE A 402 12.95 -11.73 -7.40
CA PHE A 402 11.56 -11.26 -7.16
C PHE A 402 11.59 -10.08 -6.20
N PRO A 403 10.62 -9.14 -6.31
CA PRO A 403 10.53 -7.99 -5.40
C PRO A 403 9.91 -8.40 -4.06
N LYS A 404 9.74 -7.46 -3.14
CA LYS A 404 9.08 -7.72 -1.83
C LYS A 404 7.58 -7.90 -2.09
N ASN A 405 6.93 -8.78 -1.30
CA ASN A 405 5.46 -9.07 -1.38
C ASN A 405 5.07 -9.50 -2.80
N ALA A 406 6.01 -10.07 -3.57
CA ALA A 406 5.75 -10.69 -4.87
C ALA A 406 4.89 -11.94 -4.66
N ILE A 407 3.99 -12.24 -5.59
CA ILE A 407 3.11 -13.45 -5.57
C ILE A 407 3.51 -14.34 -6.76
N GLY A 408 4.08 -15.50 -6.46
CA GLY A 408 4.50 -16.50 -7.47
C GLY A 408 3.36 -17.45 -7.82
N ILE A 409 3.11 -17.66 -9.11
CA ILE A 409 2.12 -18.63 -9.63
C ILE A 409 2.76 -19.39 -10.80
N SER A 410 3.36 -20.55 -10.52
CA SER A 410 4.10 -21.36 -11.52
C SER A 410 3.74 -22.84 -11.33
N GLN A 411 2.72 -23.32 -12.03
CA GLN A 411 2.31 -24.75 -12.00
C GLN A 411 3.40 -25.57 -12.73
N VAL A 412 4.49 -25.87 -12.02
CA VAL A 412 5.64 -26.70 -12.48
C VAL A 412 5.37 -28.16 -12.07
N LEU A 413 4.80 -28.35 -10.87
CA LEU A 413 4.53 -29.66 -10.23
C LEU A 413 3.51 -30.45 -11.08
N TRP A 414 2.29 -29.92 -11.24
CA TRP A 414 1.21 -30.54 -12.05
C TRP A 414 1.48 -30.34 -13.54
N GLY A 415 2.12 -29.23 -13.91
CA GLY A 415 2.52 -28.93 -15.31
C GLY A 415 1.40 -29.16 -16.31
N SER A 416 0.29 -28.43 -16.17
CA SER A 416 -0.91 -28.49 -17.04
C SER A 416 -0.87 -27.34 -18.07
N ILE A 417 -0.32 -27.62 -19.25
CA ILE A 417 -0.07 -26.63 -20.35
C ILE A 417 -1.35 -25.85 -20.64
N GLY A 418 -1.24 -24.52 -20.74
CA GLY A 418 -2.37 -23.58 -20.93
C GLY A 418 -2.79 -22.93 -19.63
N TYR A 419 -2.40 -23.49 -18.48
CA TYR A 419 -2.81 -23.04 -17.13
C TYR A 419 -2.51 -21.55 -16.93
N ALA A 420 -1.24 -21.16 -17.11
CA ALA A 420 -0.68 -19.82 -16.76
C ALA A 420 -1.50 -18.70 -17.41
N THR A 421 -1.95 -18.90 -18.66
CA THR A 421 -2.78 -17.92 -19.40
C THR A 421 -4.18 -17.90 -18.77
N GLY A 422 -4.78 -19.08 -18.59
CA GLY A 422 -6.02 -19.25 -17.80
C GLY A 422 -5.91 -18.56 -16.46
N ALA A 423 -4.91 -18.94 -15.66
CA ALA A 423 -4.66 -18.46 -14.28
C ALA A 423 -4.55 -16.93 -14.25
N THR A 424 -3.81 -16.36 -15.21
CA THR A 424 -3.56 -14.89 -15.34
C THR A 424 -4.89 -14.14 -15.27
N CYS A 425 -5.91 -14.63 -15.96
CA CYS A 425 -7.28 -14.05 -16.01
C CYS A 425 -7.85 -13.93 -14.60
N GLY A 426 -7.63 -14.93 -13.74
CA GLY A 426 -8.14 -14.96 -12.36
C GLY A 426 -7.38 -14.02 -11.45
N ALA A 427 -6.05 -14.09 -11.50
CA ALA A 427 -5.11 -13.22 -10.74
C ALA A 427 -5.40 -11.74 -11.04
N ALA A 428 -5.60 -11.43 -12.32
CA ALA A 428 -5.91 -10.08 -12.85
C ALA A 428 -7.15 -9.52 -12.14
N MET A 429 -8.24 -10.29 -12.12
CA MET A 429 -9.56 -9.86 -11.59
C MET A 429 -9.49 -9.73 -10.06
N ALA A 430 -8.67 -10.54 -9.40
CA ALA A 430 -8.47 -10.53 -7.93
C ALA A 430 -7.68 -9.27 -7.54
N ALA A 431 -6.64 -8.94 -8.32
CA ALA A 431 -5.78 -7.74 -8.13
C ALA A 431 -6.63 -6.47 -8.28
N GLN A 432 -7.49 -6.41 -9.31
CA GLN A 432 -8.45 -5.30 -9.53
C GLN A 432 -9.21 -5.01 -8.24
N GLU A 433 -9.76 -6.06 -7.61
CA GLU A 433 -10.65 -5.95 -6.43
C GLU A 433 -9.84 -5.55 -5.19
N ILE A 434 -8.54 -5.87 -5.17
CA ILE A 434 -7.64 -5.62 -4.01
C ILE A 434 -7.05 -4.20 -4.14
N ASP A 435 -6.17 -3.99 -5.11
CA ASP A 435 -5.33 -2.77 -5.21
C ASP A 435 -5.09 -2.43 -6.68
N PRO A 436 -5.74 -1.36 -7.22
CA PRO A 436 -5.56 -0.95 -8.60
C PRO A 436 -4.12 -0.76 -9.10
N LYS A 437 -3.18 -0.47 -8.19
CA LYS A 437 -1.74 -0.26 -8.52
C LYS A 437 -1.03 -1.61 -8.67
N LYS A 438 -1.64 -2.69 -8.15
CA LYS A 438 -1.07 -4.07 -8.14
C LYS A 438 -1.06 -4.63 -9.58
N ARG A 439 0.13 -4.91 -10.10
CA ARG A 439 0.36 -5.38 -11.49
C ARG A 439 0.36 -6.91 -11.53
N VAL A 440 -0.16 -7.49 -12.61
CA VAL A 440 -0.24 -8.97 -12.84
C VAL A 440 0.48 -9.30 -14.15
N ILE A 441 1.66 -9.92 -14.03
CA ILE A 441 2.60 -10.16 -15.16
C ILE A 441 2.58 -11.66 -15.49
N LEU A 442 2.41 -12.00 -16.76
CA LEU A 442 2.42 -13.39 -17.27
C LEU A 442 3.62 -13.60 -18.19
N PHE A 443 4.39 -14.68 -17.98
CA PHE A 443 5.37 -15.22 -18.95
C PHE A 443 4.89 -16.61 -19.40
N THR A 444 4.68 -16.77 -20.71
CA THR A 444 4.15 -18.00 -21.36
C THR A 444 4.82 -18.19 -22.71
N GLY A 445 5.06 -19.44 -23.12
CA GLY A 445 5.38 -19.81 -24.51
C GLY A 445 4.22 -19.47 -25.43
N ASP A 446 4.50 -19.31 -26.73
CA ASP A 446 3.48 -18.96 -27.76
C ASP A 446 2.48 -20.12 -27.90
N GLY A 447 2.96 -21.36 -27.81
CA GLY A 447 2.13 -22.59 -27.91
C GLY A 447 1.14 -22.69 -26.77
N SER A 448 1.62 -22.68 -25.53
CA SER A 448 0.81 -22.79 -24.29
C SER A 448 -0.39 -21.83 -24.35
N LEU A 449 -0.12 -20.58 -24.73
CA LEU A 449 -1.12 -19.48 -24.88
C LEU A 449 -2.38 -19.96 -25.60
N GLN A 450 -2.20 -20.70 -26.70
CA GLN A 450 -3.29 -21.07 -27.65
C GLN A 450 -4.40 -21.83 -26.93
N LEU A 451 -4.02 -22.77 -26.05
CA LEU A 451 -4.92 -23.78 -25.42
C LEU A 451 -6.05 -23.07 -24.67
N THR A 452 -5.74 -21.97 -23.95
CA THR A 452 -6.69 -21.21 -23.08
C THR A 452 -6.77 -19.74 -23.54
N VAL A 453 -6.66 -19.49 -24.84
CA VAL A 453 -6.49 -18.12 -25.43
C VAL A 453 -7.69 -17.22 -25.09
N GLN A 454 -8.90 -17.79 -24.97
CA GLN A 454 -10.16 -17.02 -24.84
C GLN A 454 -10.18 -16.22 -23.54
N GLU A 455 -9.38 -16.60 -22.56
CA GLU A 455 -9.38 -15.95 -21.21
C GLU A 455 -8.68 -14.59 -21.30
N ILE A 456 -7.98 -14.30 -22.40
CA ILE A 456 -7.42 -12.94 -22.72
C ILE A 456 -8.58 -12.02 -23.12
N SER A 457 -9.59 -12.57 -23.80
CA SER A 457 -10.87 -11.86 -24.12
C SER A 457 -11.58 -11.50 -22.82
N THR A 458 -11.58 -12.40 -21.85
CA THR A 458 -12.18 -12.18 -20.51
C THR A 458 -11.48 -11.00 -19.84
N MET A 459 -10.15 -10.98 -19.86
CA MET A 459 -9.31 -9.88 -19.32
C MET A 459 -9.71 -8.57 -20.00
N CYS A 460 -9.88 -8.57 -21.32
CA CYS A 460 -10.32 -7.40 -22.11
C CYS A 460 -11.70 -6.95 -21.64
N LYS A 461 -12.66 -7.88 -21.59
CA LYS A 461 -14.08 -7.61 -21.23
C LYS A 461 -14.14 -6.87 -19.89
N TRP A 462 -13.33 -7.27 -18.92
CA TRP A 462 -13.34 -6.72 -17.53
C TRP A 462 -12.25 -5.65 -17.37
N ASP A 463 -11.73 -5.12 -18.48
CA ASP A 463 -10.77 -3.99 -18.55
C ASP A 463 -9.65 -4.23 -17.53
N CYS A 464 -9.02 -5.41 -17.59
CA CYS A 464 -7.87 -5.81 -16.74
C CYS A 464 -6.62 -5.09 -17.23
N TYR A 465 -6.51 -3.81 -16.87
CA TYR A 465 -5.43 -2.88 -17.28
C TYR A 465 -4.20 -3.07 -16.39
N ASN A 466 -4.22 -4.07 -15.50
CA ASN A 466 -3.12 -4.40 -14.56
C ASN A 466 -2.23 -5.50 -15.15
N THR A 467 -2.70 -6.21 -16.19
CA THR A 467 -2.03 -7.44 -16.69
C THR A 467 -1.04 -7.07 -17.79
N TYR A 468 0.16 -7.65 -17.71
CA TYR A 468 1.19 -7.69 -18.77
C TYR A 468 1.27 -9.13 -19.30
N LEU A 469 1.20 -9.30 -20.62
CA LEU A 469 1.22 -10.63 -21.28
C LEU A 469 2.51 -10.78 -22.08
N TYR A 470 3.60 -11.15 -21.41
CA TYR A 470 4.91 -11.43 -22.06
C TYR A 470 4.85 -12.80 -22.71
N VAL A 471 4.89 -12.83 -24.05
CA VAL A 471 4.76 -14.07 -24.89
C VAL A 471 6.12 -14.39 -25.47
N LEU A 472 6.78 -15.41 -24.95
CA LEU A 472 8.15 -15.84 -25.34
C LEU A 472 8.05 -16.66 -26.64
N ASN A 473 8.40 -16.06 -27.78
CA ASN A 473 8.36 -16.72 -29.10
C ASN A 473 9.72 -17.34 -29.39
N ASN A 474 9.73 -18.61 -29.82
CA ASN A 474 10.96 -19.41 -30.09
C ASN A 474 10.71 -20.37 -31.26
N ASP A 475 9.82 -19.99 -32.18
CA ASP A 475 9.45 -20.75 -33.41
C ASP A 475 8.70 -22.05 -33.01
N GLY A 476 7.96 -22.01 -31.89
CA GLY A 476 7.24 -23.19 -31.33
C GLY A 476 8.20 -24.19 -30.72
N ILE A 493 3.42 -26.94 -34.04
CA ILE A 493 2.25 -26.07 -33.72
C ILE A 493 1.94 -25.17 -34.91
N GLN A 494 0.76 -24.54 -34.91
CA GLN A 494 0.36 -23.50 -35.91
C GLN A 494 0.82 -22.14 -35.38
N PRO A 495 1.75 -21.44 -36.08
CA PRO A 495 2.16 -20.10 -35.67
C PRO A 495 0.99 -19.13 -35.81
N TRP A 496 0.80 -18.26 -34.80
CA TRP A 496 -0.27 -17.22 -34.75
C TRP A 496 0.38 -15.83 -34.71
N ASN A 497 -0.33 -14.81 -35.20
CA ASN A 497 0.02 -13.38 -35.01
C ASN A 497 -0.48 -12.98 -33.62
N ASN A 498 0.29 -13.32 -32.60
CA ASN A 498 -0.14 -13.22 -31.17
C ASN A 498 -0.49 -11.77 -30.83
N LEU A 499 0.25 -10.80 -31.37
CA LEU A 499 0.05 -9.36 -31.05
C LEU A 499 -1.34 -8.90 -31.55
N GLN A 500 -1.94 -9.63 -32.49
CA GLN A 500 -3.28 -9.34 -33.06
C GLN A 500 -4.42 -9.63 -32.08
N LEU A 501 -4.18 -10.41 -31.03
CA LEU A 501 -5.26 -10.95 -30.15
C LEU A 501 -5.97 -9.80 -29.43
N LEU A 502 -5.26 -8.95 -28.69
CA LEU A 502 -5.86 -7.86 -27.87
C LEU A 502 -6.78 -6.99 -28.73
N PRO A 503 -6.33 -6.47 -29.90
CA PRO A 503 -7.21 -5.67 -30.76
C PRO A 503 -8.41 -6.45 -31.34
N LEU A 504 -8.22 -7.75 -31.61
CA LEU A 504 -9.29 -8.66 -32.10
C LEU A 504 -10.34 -8.83 -31.01
N PHE A 505 -9.90 -9.00 -29.76
CA PHE A 505 -10.78 -9.20 -28.58
C PHE A 505 -11.37 -7.86 -28.12
N ASN A 506 -10.87 -6.75 -28.65
CA ASN A 506 -11.46 -5.38 -28.50
C ASN A 506 -11.20 -4.84 -27.09
N ALA A 507 -9.93 -4.87 -26.66
CA ALA A 507 -9.44 -4.18 -25.46
C ALA A 507 -9.68 -2.68 -25.61
N LYS A 508 -10.48 -2.07 -24.73
CA LYS A 508 -10.85 -0.62 -24.79
C LYS A 508 -9.59 0.24 -24.73
N LYS A 509 -8.59 -0.22 -23.98
CA LYS A 509 -7.28 0.45 -23.78
C LYS A 509 -6.22 -0.65 -23.83
N TYR A 510 -5.20 -0.52 -24.70
CA TYR A 510 -4.18 -1.59 -24.89
C TYR A 510 -2.87 -1.04 -25.47
N GLU A 511 -1.85 -1.88 -25.42
CA GLU A 511 -0.50 -1.65 -26.04
C GLU A 511 0.11 -3.02 -26.34
N THR A 512 0.65 -3.19 -27.55
CA THR A 512 1.41 -4.39 -28.00
C THR A 512 2.83 -3.93 -28.38
N LYS A 513 3.81 -4.81 -28.26
CA LYS A 513 5.24 -4.51 -28.57
C LYS A 513 5.97 -5.83 -28.84
N ARG A 514 6.53 -6.00 -30.03
CA ARG A 514 7.48 -7.11 -30.35
C ARG A 514 8.88 -6.66 -29.92
N ILE A 515 9.70 -7.58 -29.40
CA ILE A 515 11.07 -7.26 -28.87
C ILE A 515 12.06 -8.35 -29.32
N SER A 516 12.94 -8.00 -30.26
CA SER A 516 13.88 -8.92 -30.97
C SER A 516 15.29 -8.84 -30.35
N THR A 517 15.72 -7.66 -29.91
CA THR A 517 17.13 -7.37 -29.51
C THR A 517 17.17 -6.84 -28.07
N VAL A 518 18.34 -6.95 -27.43
CA VAL A 518 18.63 -6.51 -26.03
C VAL A 518 18.22 -5.04 -25.88
N GLY A 519 18.61 -4.19 -26.84
CA GLY A 519 18.34 -2.74 -26.81
C GLY A 519 16.85 -2.45 -26.63
N GLU A 520 16.00 -3.10 -27.42
CA GLU A 520 14.52 -2.96 -27.35
C GLU A 520 14.04 -3.34 -25.95
N LEU A 521 14.52 -4.48 -25.43
CA LEU A 521 14.17 -4.99 -24.08
C LEU A 521 14.58 -3.97 -23.01
N ASN A 522 15.82 -3.47 -23.06
CA ASN A 522 16.38 -2.54 -22.04
C ASN A 522 15.54 -1.25 -22.01
N ASP A 523 15.16 -0.74 -23.18
CA ASP A 523 14.24 0.41 -23.35
C ASP A 523 12.94 0.15 -22.59
N LEU A 524 12.28 -0.98 -22.92
CA LEU A 524 10.93 -1.34 -22.42
C LEU A 524 10.90 -1.24 -20.89
N PHE A 525 11.90 -1.82 -20.22
CA PHE A 525 11.93 -1.94 -18.75
C PHE A 525 12.26 -0.58 -18.12
N THR A 526 13.09 0.24 -18.78
CA THR A 526 13.46 1.61 -18.32
C THR A 526 12.33 2.61 -18.65
N ASN A 527 11.50 2.30 -19.66
CA ASN A 527 10.30 3.10 -20.02
C ASN A 527 9.36 3.19 -18.81
N LYS A 528 9.18 4.41 -18.27
CA LYS A 528 8.43 4.69 -17.02
C LYS A 528 6.92 4.60 -17.26
N GLU A 529 6.43 4.97 -18.44
CA GLU A 529 4.97 5.02 -18.74
C GLU A 529 4.45 3.59 -18.96
N PHE A 530 5.29 2.71 -19.53
CA PHE A 530 5.01 1.28 -19.78
C PHE A 530 4.84 0.53 -18.44
N ALA A 531 5.51 0.99 -17.38
CA ALA A 531 5.57 0.34 -16.05
C ALA A 531 4.29 0.63 -15.25
N VAL A 532 3.40 1.48 -15.76
CA VAL A 532 2.13 1.86 -15.07
C VAL A 532 1.00 0.97 -15.60
N PRO A 533 0.22 0.31 -14.71
CA PRO A 533 -0.93 -0.48 -15.12
C PRO A 533 -2.16 0.40 -15.44
N ASP A 534 -2.09 1.15 -16.54
CA ASP A 534 -3.18 2.05 -17.03
C ASP A 534 -3.86 1.40 -18.25
N ARG A 535 -3.34 0.26 -18.72
CA ARG A 535 -3.87 -0.48 -19.90
C ARG A 535 -3.38 -1.93 -19.88
N ILE A 536 -4.11 -2.83 -20.55
CA ILE A 536 -3.69 -4.25 -20.76
C ILE A 536 -2.67 -4.28 -21.90
N ARG A 537 -1.56 -4.99 -21.72
CA ARG A 537 -0.42 -5.01 -22.69
C ARG A 537 -0.08 -6.46 -23.05
N MET A 538 0.42 -6.68 -24.26
CA MET A 538 1.05 -7.96 -24.67
C MET A 538 2.41 -7.67 -25.32
N VAL A 539 3.50 -8.08 -24.66
CA VAL A 539 4.89 -7.97 -25.19
C VAL A 539 5.32 -9.34 -25.72
N GLU A 540 5.45 -9.48 -27.04
CA GLU A 540 6.01 -10.69 -27.69
C GLU A 540 7.54 -10.56 -27.71
N ILE A 541 8.24 -11.47 -27.05
CA ILE A 541 9.74 -11.50 -26.98
C ILE A 541 10.23 -12.63 -27.89
N MET A 542 10.94 -12.28 -28.96
CA MET A 542 11.53 -13.23 -29.93
C MET A 542 12.78 -13.86 -29.30
N LEU A 543 12.89 -15.19 -29.36
CA LEU A 543 14.06 -15.95 -28.85
C LEU A 543 14.55 -16.89 -29.95
N PRO A 544 15.81 -17.39 -29.89
CA PRO A 544 16.30 -18.37 -30.87
C PRO A 544 15.57 -19.71 -30.73
N VAL A 545 15.54 -20.49 -31.82
CA VAL A 545 14.89 -21.84 -31.88
C VAL A 545 15.36 -22.67 -30.68
N MET A 546 16.63 -22.53 -30.28
CA MET A 546 17.19 -23.12 -29.03
C MET A 546 16.70 -22.31 -27.83
N SER B 2 31.76 -5.70 3.93
CA SER B 2 31.53 -4.33 4.47
C SER B 2 30.58 -4.39 5.68
N GLU B 3 31.00 -3.82 6.80
CA GLU B 3 30.16 -3.55 7.99
C GLU B 3 30.06 -2.03 8.16
N ILE B 4 28.86 -1.51 8.47
CA ILE B 4 28.62 -0.05 8.69
C ILE B 4 28.21 0.20 10.14
N THR B 5 28.47 1.41 10.62
CA THR B 5 28.05 1.93 11.96
C THR B 5 26.53 1.95 12.04
N LEU B 6 25.99 1.78 13.24
CA LEU B 6 24.52 1.80 13.52
C LEU B 6 23.99 3.18 13.19
N GLY B 7 24.69 4.24 13.62
CA GLY B 7 24.36 5.63 13.32
C GLY B 7 24.13 5.85 11.83
N ARG B 8 25.01 5.28 10.99
CA ARG B 8 24.93 5.41 9.52
C ARG B 8 23.68 4.68 8.99
N PHE B 9 23.45 3.45 9.47
CA PHE B 9 22.30 2.60 9.08
C PHE B 9 21.01 3.43 9.16
N PHE B 10 20.82 4.14 10.26
CA PHE B 10 19.68 5.06 10.50
C PHE B 10 19.52 6.03 9.32
N PHE B 11 20.56 6.85 9.06
CA PHE B 11 20.54 7.93 8.03
C PHE B 11 20.39 7.33 6.63
N GLU B 12 20.97 6.14 6.40
CA GLU B 12 20.85 5.38 5.13
C GLU B 12 19.40 4.94 4.92
N ARG B 13 18.68 4.58 5.98
CA ARG B 13 17.25 4.20 5.93
C ARG B 13 16.40 5.42 5.60
N LEU B 14 16.71 6.56 6.24
CA LEU B 14 16.03 7.86 5.98
C LEU B 14 16.17 8.21 4.50
N HIS B 15 17.37 8.01 3.93
CA HIS B 15 17.71 8.29 2.52
C HIS B 15 16.83 7.45 1.59
N GLN B 16 16.71 6.14 1.89
CA GLN B 16 15.86 5.19 1.14
C GLN B 16 14.42 5.69 1.05
N LEU B 17 13.92 6.31 2.13
CA LEU B 17 12.52 6.80 2.23
C LEU B 17 12.45 8.29 1.84
N GLN B 18 13.50 8.81 1.20
CA GLN B 18 13.57 10.15 0.56
C GLN B 18 13.72 11.27 1.61
N VAL B 19 13.99 10.94 2.87
CA VAL B 19 14.22 11.94 3.95
C VAL B 19 15.70 12.34 3.90
N ASP B 20 16.03 13.33 3.07
CA ASP B 20 17.43 13.74 2.75
C ASP B 20 17.80 15.05 3.47
N THR B 21 17.02 15.46 4.48
CA THR B 21 17.38 16.57 5.41
C THR B 21 17.03 16.18 6.85
N VAL B 22 18.00 16.34 7.77
CA VAL B 22 17.85 16.06 9.23
C VAL B 22 17.81 17.40 9.96
N PHE B 23 16.78 17.61 10.79
CA PHE B 23 16.59 18.84 11.59
C PHE B 23 17.04 18.59 13.03
N GLY B 24 17.26 19.67 13.77
CA GLY B 24 17.75 19.66 15.16
C GLY B 24 18.87 20.67 15.37
N LEU B 25 19.25 20.89 16.62
CA LEU B 25 20.43 21.70 17.03
C LEU B 25 21.49 20.74 17.56
N PRO B 26 22.76 20.82 17.10
CA PRO B 26 23.83 19.95 17.63
C PRO B 26 23.96 20.06 19.16
N GLY B 27 24.11 18.90 19.83
CA GLY B 27 24.36 18.79 21.28
C GLY B 27 25.26 17.59 21.60
N ASP B 28 25.81 17.55 22.82
CA ASP B 28 26.62 16.42 23.32
C ASP B 28 25.75 15.15 23.36
N PHE B 29 26.36 13.99 23.13
CA PHE B 29 25.74 12.63 23.12
C PHE B 29 25.13 12.30 21.76
N ASN B 30 25.07 13.27 20.83
CA ASN B 30 24.63 13.05 19.42
C ASN B 30 25.67 13.60 18.43
N LEU B 31 26.69 14.32 18.89
CA LEU B 31 27.73 14.92 18.00
C LEU B 31 28.38 13.81 17.15
N ALA B 32 28.72 12.68 17.78
CA ALA B 32 29.27 11.46 17.14
C ALA B 32 28.34 11.00 16.02
N LEU B 33 27.02 11.09 16.27
CA LEU B 33 25.94 10.66 15.32
C LEU B 33 25.86 11.62 14.13
N LEU B 34 26.08 12.92 14.34
CA LEU B 34 25.94 13.97 13.28
C LEU B 34 27.07 13.83 12.25
N ASP B 35 28.20 13.23 12.65
CA ASP B 35 29.36 12.94 11.74
C ASP B 35 28.93 11.94 10.67
N LYS B 36 28.00 11.03 11.01
CA LYS B 36 27.54 9.92 10.13
C LYS B 36 26.81 10.49 8.91
N ILE B 37 26.11 11.61 9.07
CA ILE B 37 25.29 12.25 8.00
C ILE B 37 26.15 12.47 6.75
N TYR B 38 27.41 12.91 6.93
CA TYR B 38 28.34 13.30 5.84
C TYR B 38 29.07 12.06 5.29
N GLU B 39 28.69 10.85 5.75
CA GLU B 39 29.10 9.56 5.15
C GLU B 39 28.07 9.16 4.09
N VAL B 40 26.79 9.54 4.30
CA VAL B 40 25.65 9.23 3.39
C VAL B 40 25.59 10.32 2.31
N ASP B 41 25.77 9.92 1.04
CA ASP B 41 25.66 10.79 -0.17
C ASP B 41 24.22 11.30 -0.27
N GLY B 42 24.02 12.62 -0.29
CA GLY B 42 22.71 13.26 -0.51
C GLY B 42 22.14 13.91 0.75
N MET B 43 22.43 13.37 1.93
CA MET B 43 21.93 13.88 3.23
C MET B 43 22.56 15.26 3.51
N ARG B 44 21.84 16.10 4.26
CA ARG B 44 22.36 17.40 4.77
C ARG B 44 21.78 17.66 6.17
N TRP B 45 22.55 18.39 6.99
CA TRP B 45 22.16 18.82 8.36
C TRP B 45 21.63 20.26 8.26
N ALA B 46 20.31 20.43 8.32
CA ALA B 46 19.60 21.73 8.21
C ALA B 46 20.22 22.75 9.15
N GLY B 47 20.54 22.35 10.39
CA GLY B 47 21.15 23.22 11.41
C GLY B 47 20.22 24.37 11.79
N ASN B 48 19.21 24.09 12.61
CA ASN B 48 18.18 25.05 13.07
C ASN B 48 18.69 25.79 14.31
N ALA B 49 18.07 26.93 14.64
CA ALA B 49 18.46 27.86 15.73
C ALA B 49 18.25 27.20 17.09
N ASN B 50 17.14 26.49 17.27
CA ASN B 50 16.78 25.75 18.52
C ASN B 50 15.87 24.58 18.15
N GLU B 51 15.45 23.78 19.14
CA GLU B 51 14.72 22.51 18.91
C GLU B 51 13.27 22.80 18.56
N LEU B 52 12.61 23.71 19.29
CA LEU B 52 11.20 24.10 19.02
C LEU B 52 11.04 24.39 17.53
N ASN B 53 11.92 25.26 16.99
CA ASN B 53 11.97 25.67 15.56
C ASN B 53 12.16 24.45 14.67
N ALA B 54 13.09 23.56 15.03
CA ALA B 54 13.48 22.34 14.28
C ALA B 54 12.27 21.43 14.12
N GLY B 55 11.44 21.30 15.15
CA GLY B 55 10.21 20.49 15.14
C GLY B 55 9.20 21.04 14.14
N TYR B 56 8.99 22.36 14.16
CA TYR B 56 8.16 23.10 13.16
C TYR B 56 8.71 22.80 11.75
N ALA B 57 10.02 22.99 11.56
CA ALA B 57 10.73 22.73 10.30
C ALA B 57 10.44 21.30 9.84
N ALA B 58 10.72 20.31 10.71
CA ALA B 58 10.53 18.87 10.46
C ALA B 58 9.09 18.59 10.01
N ASP B 59 8.11 19.15 10.73
CA ASP B 59 6.66 19.03 10.42
C ASP B 59 6.44 19.48 8.97
N GLY B 60 6.77 20.72 8.66
CA GLY B 60 6.65 21.29 7.30
C GLY B 60 7.27 20.37 6.25
N TYR B 61 8.48 19.86 6.52
CA TYR B 61 9.25 18.96 5.63
C TYR B 61 8.45 17.68 5.37
N ALA B 62 7.80 17.15 6.42
CA ALA B 62 7.02 15.89 6.37
C ALA B 62 5.79 16.06 5.48
N ARG B 63 5.18 17.24 5.49
CA ARG B 63 3.94 17.54 4.73
C ARG B 63 4.23 17.62 3.23
N VAL B 64 5.50 17.76 2.84
CA VAL B 64 5.96 17.90 1.42
C VAL B 64 6.69 16.63 0.97
N ASN B 65 7.25 15.85 1.90
CA ASN B 65 7.90 14.56 1.59
C ASN B 65 6.88 13.64 0.93
N PRO B 66 7.24 12.91 -0.16
CA PRO B 66 6.31 11.99 -0.80
C PRO B 66 5.69 10.96 0.16
N ASN B 67 6.50 10.46 1.11
CA ASN B 67 6.13 9.38 2.08
C ASN B 67 5.62 9.98 3.40
N GLY B 68 5.54 11.31 3.51
CA GLY B 68 4.98 12.00 4.69
C GLY B 68 5.88 11.89 5.91
N LEU B 69 7.19 11.74 5.69
CA LEU B 69 8.21 11.44 6.74
C LEU B 69 9.22 12.58 6.85
N ALA B 70 9.72 12.82 8.07
CA ALA B 70 10.78 13.79 8.39
C ALA B 70 11.61 13.26 9.58
N ALA B 71 12.90 13.60 9.62
CA ALA B 71 13.88 13.14 10.63
C ALA B 71 14.32 14.32 11.52
N LEU B 72 14.08 14.22 12.83
CA LEU B 72 14.47 15.24 13.84
C LEU B 72 15.40 14.60 14.87
N VAL B 73 16.58 15.18 15.09
CA VAL B 73 17.57 14.74 16.12
C VAL B 73 17.46 15.68 17.34
N SER B 74 17.40 15.10 18.54
CA SER B 74 17.37 15.82 19.85
C SER B 74 18.47 15.25 20.77
N THR B 75 18.63 15.85 21.95
CA THR B 75 19.59 15.43 23.01
C THR B 75 18.85 15.42 24.36
N PHE B 76 19.34 14.61 25.31
CA PHE B 76 18.65 14.27 26.59
C PHE B 76 18.28 15.54 27.37
N GLU B 80 15.63 18.78 24.02
CA GLU B 80 14.37 18.11 23.62
C GLU B 80 13.16 18.66 24.40
N LEU B 81 13.37 19.31 25.57
CA LEU B 81 12.32 19.80 26.48
C LEU B 81 11.21 20.51 25.69
N SER B 82 11.45 21.73 25.20
CA SER B 82 10.47 22.57 24.44
C SER B 82 10.22 21.97 23.05
N LEU B 83 9.49 20.85 23.00
CA LEU B 83 8.99 20.18 21.77
C LEU B 83 7.58 19.63 22.04
N ILE B 87 6.20 18.69 18.67
CA ILE B 87 5.85 17.25 18.58
C ILE B 87 4.45 17.00 19.17
N ALA B 88 4.05 17.80 20.17
CA ALA B 88 2.68 17.79 20.77
C ALA B 88 1.63 18.15 19.71
N GLY B 89 1.92 19.14 18.86
CA GLY B 89 1.04 19.63 17.77
C GLY B 89 1.21 18.83 16.49
N SER B 90 2.30 18.07 16.36
CA SER B 90 2.58 17.11 15.26
C SER B 90 1.72 15.85 15.46
N TYR B 91 1.60 15.38 16.71
CA TYR B 91 0.90 14.14 17.11
C TYR B 91 -0.60 14.27 16.85
N SER B 92 -1.20 15.37 17.32
CA SER B 92 -2.66 15.65 17.26
C SER B 92 -3.11 15.96 15.82
N GLU B 93 -2.17 16.35 14.94
CA GLU B 93 -2.44 16.63 13.50
C GLU B 93 -1.86 15.53 12.61
N HIS B 94 -1.48 14.38 13.20
CA HIS B 94 -0.98 13.18 12.48
C HIS B 94 0.11 13.56 11.47
N VAL B 95 1.37 13.67 11.90
CA VAL B 95 2.53 13.85 10.98
C VAL B 95 3.69 12.96 11.47
N GLY B 96 4.24 12.15 10.58
CA GLY B 96 5.18 11.06 10.90
C GLY B 96 6.61 11.56 11.06
N ILE B 97 6.89 12.32 12.13
CA ILE B 97 8.24 12.80 12.48
C ILE B 97 9.01 11.67 13.18
N ILE B 98 10.16 11.27 12.63
CA ILE B 98 11.09 10.28 13.23
C ILE B 98 11.99 11.02 14.22
N ASN B 99 11.70 10.89 15.51
CA ASN B 99 12.45 11.51 16.64
C ASN B 99 13.60 10.59 17.07
N LEU B 100 14.85 10.99 16.84
CA LEU B 100 16.04 10.29 17.38
C LEU B 100 16.64 11.13 18.50
N VAL B 101 16.41 10.72 19.75
CA VAL B 101 16.96 11.38 20.98
C VAL B 101 18.28 10.70 21.34
N GLY B 102 19.37 11.47 21.36
CA GLY B 102 20.71 11.05 21.83
C GLY B 102 20.78 11.09 23.35
N VAL B 103 21.03 9.94 23.98
CA VAL B 103 20.96 9.75 25.47
C VAL B 103 22.32 9.26 25.95
N PRO B 104 22.75 9.62 27.18
CA PRO B 104 24.01 9.10 27.74
C PRO B 104 24.11 7.56 27.83
N SER B 105 25.33 7.05 28.01
CA SER B 105 25.65 5.60 28.03
C SER B 105 25.65 5.06 29.47
N SER B 135 3.96 10.95 21.26
CA SER B 135 4.72 10.08 20.32
C SER B 135 4.15 8.66 20.34
N GLN B 136 3.84 8.11 19.17
CA GLN B 136 3.15 6.80 18.97
C GLN B 136 3.92 5.70 19.73
N THR B 137 5.08 5.30 19.20
CA THR B 137 5.90 4.18 19.72
C THR B 137 7.24 4.74 20.24
N SER B 138 7.59 4.38 21.48
CA SER B 138 8.93 4.58 22.09
C SER B 138 9.81 3.38 21.72
N ALA B 139 11.08 3.62 21.44
CA ALA B 139 12.11 2.58 21.25
C ALA B 139 13.39 3.01 21.94
N PHE B 140 13.85 2.23 22.93
CA PHE B 140 15.19 2.35 23.55
C PHE B 140 16.09 1.23 23.02
N ILE B 141 17.09 1.60 22.21
CA ILE B 141 18.08 0.65 21.62
C ILE B 141 19.13 0.34 22.69
N SER B 142 18.93 -0.76 23.44
CA SER B 142 19.86 -1.28 24.47
C SER B 142 20.71 -2.42 23.87
N ASP B 143 20.07 -3.30 23.09
CA ASP B 143 20.66 -4.56 22.57
C ASP B 143 21.08 -4.34 21.12
N PRO B 144 22.40 -4.45 20.78
CA PRO B 144 22.85 -4.26 19.41
C PRO B 144 22.53 -5.43 18.44
N ASN B 145 21.86 -6.47 18.92
CA ASN B 145 21.35 -7.59 18.08
C ASN B 145 20.09 -7.13 17.33
N THR B 146 19.12 -6.57 18.04
CA THR B 146 17.76 -6.18 17.52
C THR B 146 17.72 -4.69 17.15
N ALA B 147 18.82 -3.95 17.30
CA ALA B 147 18.90 -2.48 17.11
C ALA B 147 18.38 -2.08 15.72
N ALA B 148 18.97 -2.65 14.66
CA ALA B 148 18.60 -2.42 13.25
C ALA B 148 17.09 -2.65 13.08
N SER B 149 16.61 -3.81 13.53
CA SER B 149 15.18 -4.22 13.48
C SER B 149 14.30 -3.21 14.21
N GLU B 150 14.73 -2.75 15.40
CA GLU B 150 14.02 -1.76 16.23
C GLU B 150 13.90 -0.42 15.50
N ILE B 151 15.00 0.05 14.89
CA ILE B 151 15.03 1.29 14.04
C ILE B 151 14.02 1.13 12.92
N ASP B 152 14.06 0.00 12.19
CA ASP B 152 13.17 -0.31 11.04
C ASP B 152 11.71 -0.25 11.50
N ARG B 153 11.39 -0.89 12.63
CA ARG B 153 10.01 -0.98 13.20
C ARG B 153 9.47 0.44 13.46
N CYS B 154 10.32 1.34 13.96
CA CYS B 154 10.00 2.75 14.31
C CYS B 154 9.74 3.58 13.05
N ILE B 155 10.64 3.48 12.07
CA ILE B 155 10.52 4.15 10.73
C ILE B 155 9.22 3.68 10.07
N ARG B 156 8.92 2.38 10.16
CA ARG B 156 7.68 1.80 9.59
C ARG B 156 6.46 2.40 10.28
N ASP B 157 6.48 2.46 11.62
CA ASP B 157 5.36 2.96 12.45
C ASP B 157 5.13 4.46 12.18
N ALA B 158 6.21 5.24 12.05
CA ALA B 158 6.13 6.66 11.63
C ALA B 158 5.33 6.72 10.33
N TYR B 159 5.77 5.98 9.31
CA TYR B 159 5.23 5.99 7.93
C TYR B 159 3.75 5.58 7.91
N VAL B 160 3.44 4.43 8.52
CA VAL B 160 2.11 3.75 8.42
C VAL B 160 1.07 4.57 9.19
N TYR B 161 1.33 4.85 10.47
CA TYR B 161 0.39 5.51 11.41
C TYR B 161 0.50 7.04 11.30
N GLN B 162 1.52 7.54 10.60
CA GLN B 162 1.73 9.00 10.35
C GLN B 162 1.62 9.75 11.67
N ARG B 163 2.53 9.46 12.61
CA ARG B 163 2.64 10.13 13.93
C ARG B 163 4.09 10.10 14.40
N PRO B 164 4.49 11.01 15.32
CA PRO B 164 5.86 11.05 15.84
C PRO B 164 6.28 9.71 16.47
N VAL B 165 7.60 9.46 16.49
CA VAL B 165 8.21 8.17 16.91
C VAL B 165 9.56 8.50 17.54
N TYR B 166 9.68 8.34 18.86
CA TYR B 166 10.93 8.53 19.64
C TYR B 166 11.83 7.30 19.43
N ILE B 167 13.14 7.52 19.27
CA ILE B 167 14.17 6.46 19.09
C ILE B 167 15.37 6.81 19.99
N GLY B 168 15.42 6.20 21.17
CA GLY B 168 16.56 6.30 22.12
C GLY B 168 17.78 5.58 21.58
N LEU B 169 18.91 6.30 21.47
CA LEU B 169 20.20 5.76 20.98
C LEU B 169 21.32 6.25 21.90
N PRO B 170 21.74 5.41 22.89
CA PRO B 170 22.90 5.72 23.72
C PRO B 170 24.18 5.94 22.91
N SER B 171 25.01 6.91 23.33
CA SER B 171 26.25 7.35 22.64
C SER B 171 27.15 6.16 22.29
N ASN B 172 27.28 5.22 23.23
CA ASN B 172 28.17 4.03 23.11
C ASN B 172 27.75 3.16 21.92
N LEU B 173 26.48 3.22 21.50
CA LEU B 173 25.89 2.28 20.49
C LEU B 173 25.88 2.90 19.08
N VAL B 174 26.13 4.21 18.95
CA VAL B 174 26.04 4.92 17.63
C VAL B 174 27.14 4.41 16.69
N ASP B 175 28.19 3.79 17.24
CA ASP B 175 29.38 3.31 16.50
C ASP B 175 29.47 1.78 16.54
N VAL B 176 28.34 1.08 16.66
CA VAL B 176 28.27 -0.41 16.68
C VAL B 176 28.06 -0.90 15.24
N LYS B 177 28.96 -1.76 14.76
CA LYS B 177 29.02 -2.25 13.35
C LYS B 177 27.84 -3.19 13.10
N VAL B 178 27.24 -3.10 11.90
CA VAL B 178 26.19 -4.02 11.38
C VAL B 178 26.45 -4.24 9.89
N PRO B 179 25.97 -5.35 9.29
CA PRO B 179 26.16 -5.59 7.86
C PRO B 179 25.52 -4.49 6.99
N LYS B 180 26.19 -4.07 5.91
CA LYS B 180 25.64 -3.10 4.92
C LYS B 180 24.55 -3.80 4.09
N SER B 181 24.55 -5.13 4.05
CA SER B 181 23.56 -5.98 3.34
C SER B 181 22.16 -5.86 3.97
N LEU B 182 22.08 -5.42 5.23
CA LEU B 182 20.79 -5.17 5.95
C LEU B 182 19.94 -4.15 5.17
N LEU B 183 20.60 -3.21 4.49
CA LEU B 183 19.96 -2.07 3.76
C LEU B 183 19.25 -2.58 2.49
N ASP B 184 19.64 -3.73 1.95
CA ASP B 184 19.05 -4.33 0.71
C ASP B 184 17.62 -4.82 1.01
N LYS B 185 17.39 -5.39 2.18
CA LYS B 185 16.04 -5.73 2.70
C LYS B 185 15.36 -4.42 3.10
N LYS B 186 14.65 -3.77 2.17
CA LYS B 186 13.93 -2.49 2.45
C LYS B 186 12.82 -2.74 3.47
N ILE B 187 12.57 -1.75 4.34
CA ILE B 187 11.55 -1.78 5.42
C ILE B 187 10.18 -2.05 4.78
N ASP B 188 9.47 -3.08 5.25
CA ASP B 188 8.04 -3.33 4.88
C ASP B 188 7.20 -2.17 5.44
N LEU B 189 6.48 -1.47 4.56
CA LEU B 189 5.62 -0.31 4.92
C LEU B 189 4.16 -0.61 4.58
N SER B 190 3.85 -1.88 4.27
CA SER B 190 2.49 -2.34 3.88
C SER B 190 1.55 -2.26 5.09
N LEU B 191 0.28 -1.92 4.83
CA LEU B 191 -0.75 -1.75 5.88
C LEU B 191 -1.26 -3.13 6.29
N HIS B 192 -1.52 -3.32 7.59
CA HIS B 192 -2.28 -4.48 8.13
C HIS B 192 -3.70 -4.41 7.59
N PRO B 193 -4.20 -5.46 6.88
CA PRO B 193 -5.60 -5.50 6.45
C PRO B 193 -6.57 -5.24 7.61
N ASN B 194 -7.62 -4.48 7.36
CA ASN B 194 -8.77 -4.30 8.29
C ASN B 194 -9.39 -5.69 8.54
N GLU B 195 -9.73 -5.97 9.79
CA GLU B 195 -10.48 -7.20 10.19
C GLU B 195 -11.81 -7.20 9.46
N PRO B 196 -12.08 -8.19 8.57
CA PRO B 196 -13.24 -8.17 7.68
C PRO B 196 -14.59 -7.81 8.31
N GLU B 197 -14.84 -8.27 9.53
CA GLU B 197 -16.16 -8.13 10.23
C GLU B 197 -16.45 -6.65 10.46
N SER B 198 -15.59 -5.96 11.22
CA SER B 198 -15.71 -4.51 11.52
C SER B 198 -15.84 -3.72 10.22
N GLN B 199 -14.97 -4.03 9.24
CA GLN B 199 -14.98 -3.42 7.89
C GLN B 199 -16.35 -3.64 7.24
N ALA B 200 -16.80 -4.90 7.20
CA ALA B 200 -18.08 -5.32 6.58
C ALA B 200 -19.25 -4.60 7.27
N GLU B 201 -19.23 -4.56 8.60
CA GLU B 201 -20.29 -3.92 9.44
C GLU B 201 -20.35 -2.42 9.17
N VAL B 202 -19.21 -1.78 8.90
CA VAL B 202 -19.09 -0.32 8.65
C VAL B 202 -19.62 0.00 7.25
N VAL B 203 -19.18 -0.76 6.24
CA VAL B 203 -19.56 -0.52 4.81
C VAL B 203 -21.05 -0.85 4.63
N GLU B 204 -21.54 -1.86 5.35
CA GLU B 204 -23.00 -2.18 5.48
C GLU B 204 -23.76 -0.96 6.01
N THR B 205 -23.49 -0.59 7.26
CA THR B 205 -24.22 0.45 8.03
C THR B 205 -24.18 1.78 7.27
N VAL B 206 -22.99 2.23 6.89
CA VAL B 206 -22.77 3.53 6.17
C VAL B 206 -23.73 3.59 4.97
N GLU B 207 -23.76 2.51 4.18
CA GLU B 207 -24.55 2.41 2.92
C GLU B 207 -26.06 2.48 3.22
N LYS B 208 -26.49 2.01 4.40
CA LYS B 208 -27.91 2.09 4.85
C LYS B 208 -28.29 3.57 5.02
N PHE B 209 -27.45 4.35 5.70
CA PHE B 209 -27.70 5.79 6.00
C PHE B 209 -27.73 6.58 4.70
N ILE B 210 -26.86 6.21 3.76
CA ILE B 210 -26.74 6.83 2.40
C ILE B 210 -28.08 6.68 1.66
N SER B 211 -28.68 5.50 1.73
CA SER B 211 -30.01 5.17 1.14
C SER B 211 -31.09 6.05 1.76
N GLU B 212 -31.07 6.19 3.08
CA GLU B 212 -32.02 7.01 3.89
C GLU B 212 -31.78 8.50 3.63
N ALA B 213 -30.53 8.88 3.35
CA ALA B 213 -30.07 10.30 3.27
C ALA B 213 -30.79 11.04 2.14
N SER B 214 -31.43 12.18 2.48
CA SER B 214 -32.06 13.15 1.55
C SER B 214 -30.97 14.06 0.96
N ASN B 215 -30.29 14.82 1.82
CA ASN B 215 -29.23 15.80 1.45
C ASN B 215 -27.93 15.43 2.17
N PRO B 216 -27.24 14.35 1.74
CA PRO B 216 -25.89 14.05 2.22
C PRO B 216 -24.83 15.06 1.72
N VAL B 217 -23.78 15.24 2.51
CA VAL B 217 -22.57 16.04 2.15
C VAL B 217 -21.33 15.23 2.53
N ILE B 218 -20.20 15.51 1.87
CA ILE B 218 -18.86 14.96 2.23
C ILE B 218 -18.05 16.09 2.86
N LEU B 219 -17.31 15.79 3.93
CA LEU B 219 -16.43 16.74 4.66
C LEU B 219 -15.05 16.09 4.82
N VAL B 220 -14.01 16.70 4.25
CA VAL B 220 -12.64 16.12 4.20
C VAL B 220 -11.72 16.98 5.08
N ASP B 221 -11.07 16.34 6.05
CA ASP B 221 -10.10 16.98 7.00
C ASP B 221 -8.70 16.45 6.66
N ALA B 222 -7.67 16.94 7.36
CA ALA B 222 -6.24 16.75 7.06
C ALA B 222 -5.90 15.25 6.92
N CYS B 223 -6.32 14.41 7.87
CA CYS B 223 -5.94 12.97 7.94
C CYS B 223 -6.22 12.26 6.60
N ALA B 224 -7.13 12.79 5.79
CA ALA B 224 -7.39 12.33 4.40
C ALA B 224 -6.12 12.48 3.56
N ILE B 225 -5.48 13.66 3.64
CA ILE B 225 -4.17 13.98 2.98
C ILE B 225 -3.10 13.06 3.56
N ARG B 226 -3.03 12.99 4.89
CA ARG B 226 -1.95 12.30 5.66
C ARG B 226 -1.88 10.81 5.25
N HIS B 227 -3.01 10.11 5.34
CA HIS B 227 -3.11 8.63 5.14
C HIS B 227 -3.43 8.29 3.69
N ASN B 228 -3.17 9.22 2.76
CA ASN B 228 -3.11 8.97 1.30
C ASN B 228 -4.49 8.53 0.80
N CYS B 229 -5.53 9.35 0.99
CA CYS B 229 -6.94 9.06 0.63
C CYS B 229 -7.53 10.17 -0.25
N LEU B 230 -6.76 10.68 -1.22
CA LEU B 230 -7.18 11.84 -2.06
C LEU B 230 -7.84 11.33 -3.35
N LYS B 231 -7.28 10.30 -3.99
CA LYS B 231 -7.89 9.58 -5.15
C LYS B 231 -9.19 8.93 -4.66
N GLU B 232 -9.15 8.29 -3.49
CA GLU B 232 -10.34 7.70 -2.82
C GLU B 232 -11.43 8.76 -2.71
N VAL B 233 -11.08 9.96 -2.21
CA VAL B 233 -12.05 11.08 -2.01
C VAL B 233 -12.57 11.51 -3.38
N ALA B 234 -11.67 11.67 -4.35
CA ALA B 234 -12.00 12.01 -5.76
C ALA B 234 -12.99 10.98 -6.31
N GLU B 235 -12.68 9.70 -6.15
CA GLU B 235 -13.54 8.56 -6.60
C GLU B 235 -14.91 8.67 -5.91
N LEU B 236 -14.92 8.98 -4.61
CA LEU B 236 -16.16 9.07 -3.79
C LEU B 236 -17.06 10.21 -4.28
N ILE B 237 -16.48 11.36 -4.62
CA ILE B 237 -17.24 12.55 -5.12
C ILE B 237 -17.92 12.16 -6.44
N ALA B 238 -17.20 11.46 -7.32
CA ALA B 238 -17.65 11.03 -8.66
C ALA B 238 -18.85 10.10 -8.52
N GLU B 239 -18.69 9.05 -7.70
CA GLU B 239 -19.63 7.90 -7.61
C GLU B 239 -20.90 8.30 -6.84
N THR B 240 -20.89 9.42 -6.11
CA THR B 240 -22.03 9.87 -5.25
C THR B 240 -22.68 11.13 -5.83
N GLN B 241 -21.88 12.03 -6.41
CA GLN B 241 -22.31 13.39 -6.87
C GLN B 241 -22.86 14.18 -5.68
N PHE B 242 -22.32 13.95 -4.49
CA PHE B 242 -22.67 14.69 -3.25
C PHE B 242 -21.85 15.98 -3.19
N PRO B 243 -22.40 17.07 -2.59
CA PRO B 243 -21.59 18.23 -2.23
C PRO B 243 -20.39 17.76 -1.37
N VAL B 244 -19.22 18.37 -1.57
CA VAL B 244 -17.99 18.09 -0.77
C VAL B 244 -17.45 19.43 -0.26
N PHE B 245 -17.04 19.47 1.01
CA PHE B 245 -16.40 20.63 1.68
C PHE B 245 -15.18 20.09 2.42
N THR B 246 -14.20 20.96 2.71
CA THR B 246 -13.00 20.63 3.51
C THR B 246 -12.95 21.53 4.75
N THR B 247 -12.18 21.13 5.75
CA THR B 247 -11.83 21.97 6.93
C THR B 247 -10.73 22.93 6.47
N PRO B 248 -10.38 23.97 7.26
CA PRO B 248 -9.17 24.75 6.98
C PRO B 248 -7.95 23.83 6.87
N MET B 249 -7.76 22.99 7.90
CA MET B 249 -6.69 21.96 8.06
C MET B 249 -6.67 21.03 6.84
N GLY B 250 -7.84 20.68 6.31
CA GLY B 250 -8.01 19.73 5.20
C GLY B 250 -8.15 20.40 3.86
N LYS B 251 -7.81 21.68 3.75
CA LYS B 251 -7.87 22.46 2.49
C LYS B 251 -6.72 22.00 1.58
N SER B 252 -7.01 21.74 0.30
CA SER B 252 -6.08 21.22 -0.74
C SER B 252 -6.20 19.69 -0.85
N SER B 253 -7.01 19.05 -0.01
CA SER B 253 -7.38 17.62 -0.08
C SER B 253 -8.27 17.37 -1.31
N VAL B 254 -9.03 18.38 -1.73
CA VAL B 254 -10.01 18.29 -2.85
C VAL B 254 -9.71 19.42 -3.85
N ASP B 255 -9.59 19.07 -5.14
CA ASP B 255 -9.48 20.04 -6.27
C ASP B 255 -10.69 20.97 -6.21
N GLU B 256 -10.44 22.26 -5.94
CA GLU B 256 -11.49 23.29 -5.66
C GLU B 256 -12.14 23.77 -6.97
N SER B 257 -11.76 23.20 -8.12
CA SER B 257 -12.39 23.43 -9.44
C SER B 257 -13.47 22.38 -9.69
N ASN B 258 -13.41 21.26 -8.97
CA ASN B 258 -14.50 20.24 -8.95
C ASN B 258 -15.82 20.98 -8.76
N PRO B 259 -16.82 20.78 -9.65
CA PRO B 259 -18.09 21.50 -9.55
C PRO B 259 -18.93 21.08 -8.32
N ARG B 260 -18.53 19.99 -7.64
CA ARG B 260 -19.21 19.47 -6.42
C ARG B 260 -18.58 20.12 -5.17
N PHE B 261 -17.40 20.73 -5.29
CA PHE B 261 -16.74 21.45 -4.16
C PHE B 261 -17.55 22.70 -3.82
N GLY B 262 -17.93 22.85 -2.55
CA GLY B 262 -18.81 23.92 -2.05
C GLY B 262 -18.16 24.76 -0.97
N GLY B 263 -16.82 24.70 -0.86
CA GLY B 263 -16.03 25.63 -0.04
C GLY B 263 -15.48 25.00 1.23
N VAL B 264 -15.13 25.85 2.21
CA VAL B 264 -14.41 25.49 3.47
C VAL B 264 -15.31 25.79 4.67
N TYR B 265 -15.77 24.74 5.35
CA TYR B 265 -16.58 24.80 6.61
C TYR B 265 -15.69 25.20 7.78
N VAL B 266 -16.08 26.23 8.54
CA VAL B 266 -15.43 26.66 9.81
C VAL B 266 -16.51 26.94 10.86
N GLY B 267 -17.54 26.08 10.92
CA GLY B 267 -18.67 26.18 11.85
C GLY B 267 -19.35 27.54 11.78
N SER B 268 -19.44 28.23 12.93
CA SER B 268 -20.09 29.56 13.09
C SER B 268 -19.43 30.58 12.14
N LEU B 269 -18.11 30.49 11.98
CA LEU B 269 -17.27 31.50 11.26
C LEU B 269 -17.32 31.27 9.74
N SER B 270 -17.96 30.18 9.28
CA SER B 270 -18.21 29.90 7.85
C SER B 270 -19.10 30.99 7.26
N SER B 271 -18.96 31.28 5.97
CA SER B 271 -19.89 32.15 5.21
C SER B 271 -21.31 31.58 5.37
N PRO B 272 -22.36 32.43 5.44
CA PRO B 272 -23.71 31.96 5.70
C PRO B 272 -24.18 30.84 4.74
N ASP B 273 -23.77 30.92 3.47
CA ASP B 273 -24.20 29.98 2.39
C ASP B 273 -23.48 28.63 2.55
N VAL B 274 -22.23 28.63 3.00
CA VAL B 274 -21.43 27.40 3.30
C VAL B 274 -21.91 26.80 4.63
N LYS B 275 -22.11 27.64 5.65
CA LYS B 275 -22.69 27.24 6.96
C LYS B 275 -24.02 26.51 6.73
N GLU B 276 -24.86 27.01 5.81
CA GLU B 276 -26.21 26.46 5.48
C GLU B 276 -26.06 25.06 4.89
N ALA B 277 -25.31 24.93 3.79
CA ALA B 277 -25.18 23.71 2.97
C ALA B 277 -24.75 22.52 3.84
N VAL B 278 -23.79 22.73 4.76
CA VAL B 278 -23.21 21.65 5.61
C VAL B 278 -24.18 21.34 6.76
N GLU B 279 -24.67 22.38 7.46
CA GLU B 279 -25.51 22.22 8.69
C GLU B 279 -26.93 21.77 8.32
N SER B 280 -27.35 21.96 7.07
CA SER B 280 -28.67 21.51 6.54
C SER B 280 -28.68 19.99 6.31
N ALA B 281 -27.50 19.38 6.15
CA ALA B 281 -27.33 17.96 5.76
C ALA B 281 -27.86 17.05 6.87
N ASP B 282 -28.51 15.95 6.47
CA ASP B 282 -29.08 14.90 7.36
C ASP B 282 -28.06 13.77 7.51
N LEU B 283 -27.16 13.60 6.52
CA LEU B 283 -25.99 12.69 6.56
C LEU B 283 -24.72 13.49 6.24
N VAL B 284 -23.72 13.45 7.12
CA VAL B 284 -22.34 13.98 6.88
C VAL B 284 -21.36 12.80 6.80
N LEU B 285 -20.76 12.59 5.62
CA LEU B 285 -19.63 11.65 5.42
C LEU B 285 -18.32 12.40 5.68
N SER B 286 -17.95 12.54 6.96
CA SER B 286 -16.67 13.13 7.41
C SER B 286 -15.54 12.14 7.09
N VAL B 287 -14.46 12.61 6.47
CA VAL B 287 -13.32 11.77 6.01
C VAL B 287 -12.03 12.37 6.60
N GLY B 288 -11.45 11.69 7.59
CA GLY B 288 -10.18 12.06 8.23
C GLY B 288 -10.36 13.11 9.31
N ALA B 289 -11.59 13.40 9.74
CA ALA B 289 -11.87 14.34 10.85
C ALA B 289 -10.93 14.01 12.00
N MET B 290 -10.04 14.93 12.37
CA MET B 290 -9.02 14.75 13.44
C MET B 290 -9.71 14.70 14.80
N LEU B 291 -10.57 15.69 15.07
CA LEU B 291 -11.42 15.80 16.28
C LEU B 291 -10.53 15.98 17.52
N ARG B 306 -27.21 14.61 14.01
CA ARG B 306 -27.78 13.88 12.84
C ARG B 306 -26.95 12.61 12.58
N ASN B 307 -27.05 12.04 11.39
CA ASN B 307 -26.25 10.87 10.93
C ASN B 307 -24.85 11.35 10.55
N VAL B 308 -23.85 11.11 11.39
CA VAL B 308 -22.42 11.41 11.09
C VAL B 308 -21.65 10.09 10.94
N VAL B 309 -21.06 9.87 9.76
CA VAL B 309 -19.98 8.85 9.54
C VAL B 309 -18.65 9.58 9.52
N GLU B 310 -17.84 9.39 10.57
CA GLU B 310 -16.43 9.88 10.63
C GLU B 310 -15.51 8.70 10.28
N PHE B 311 -14.75 8.82 9.18
CA PHE B 311 -13.65 7.90 8.81
C PHE B 311 -12.35 8.45 9.42
N HIS B 312 -11.73 7.69 10.30
CA HIS B 312 -10.44 8.02 10.95
C HIS B 312 -9.41 6.99 10.53
N SER B 313 -8.15 7.22 10.92
CA SER B 313 -6.97 6.39 10.57
C SER B 313 -7.08 5.02 11.24
N ASP B 314 -7.23 4.99 12.57
CA ASP B 314 -7.18 3.72 13.35
C ASP B 314 -8.61 3.17 13.52
N TYR B 315 -9.66 3.97 13.29
CA TYR B 315 -11.06 3.56 13.57
C TYR B 315 -12.06 4.31 12.67
N THR B 316 -13.32 3.89 12.73
CA THR B 316 -14.50 4.53 12.10
C THR B 316 -15.55 4.80 13.17
N LYS B 317 -16.32 5.89 13.04
CA LYS B 317 -17.41 6.28 13.95
C LYS B 317 -18.68 6.49 13.12
N ILE B 318 -19.77 5.83 13.50
CA ILE B 318 -21.12 5.98 12.89
C ILE B 318 -22.08 6.38 14.02
N ARG B 319 -22.59 7.61 13.98
CA ARG B 319 -23.35 8.22 15.09
C ARG B 319 -22.44 8.20 16.33
N GLN B 320 -22.88 7.55 17.42
CA GLN B 320 -22.12 7.43 18.71
C GLN B 320 -21.40 6.07 18.77
N ALA B 321 -21.64 5.20 17.78
CA ALA B 321 -20.99 3.88 17.65
C ALA B 321 -19.56 4.07 17.15
N THR B 322 -18.59 3.40 17.79
CA THR B 322 -17.15 3.41 17.42
C THR B 322 -16.74 1.99 16.99
N PHE B 323 -16.15 1.88 15.80
CA PHE B 323 -15.63 0.62 15.21
C PHE B 323 -14.11 0.68 15.21
N PRO B 324 -13.41 0.36 16.32
CA PRO B 324 -11.95 0.43 16.37
C PRO B 324 -11.30 -0.56 15.41
N GLY B 325 -10.19 -0.16 14.77
CA GLY B 325 -9.37 -1.00 13.87
C GLY B 325 -9.70 -0.82 12.40
N VAL B 326 -10.77 -0.08 12.09
CA VAL B 326 -11.26 0.12 10.69
C VAL B 326 -10.56 1.33 10.08
N GLN B 327 -9.41 1.09 9.43
CA GLN B 327 -8.54 2.13 8.82
C GLN B 327 -9.21 2.68 7.56
N MET B 328 -9.31 4.01 7.45
CA MET B 328 -10.10 4.72 6.43
C MET B 328 -9.67 4.33 5.01
N LYS B 329 -8.36 4.16 4.78
CA LYS B 329 -7.78 3.93 3.42
C LYS B 329 -8.52 2.76 2.76
N GLU B 330 -8.52 1.60 3.42
CA GLU B 330 -9.15 0.35 2.92
C GLU B 330 -10.68 0.48 3.02
N ALA B 331 -11.19 1.00 4.14
CA ALA B 331 -12.64 1.27 4.35
C ALA B 331 -13.21 1.96 3.12
N LEU B 332 -12.56 3.04 2.67
CA LEU B 332 -13.02 3.88 1.54
C LEU B 332 -12.93 3.09 0.23
N GLN B 333 -11.86 2.33 0.02
CA GLN B 333 -11.67 1.48 -1.20
C GLN B 333 -12.83 0.48 -1.29
N VAL B 334 -13.13 -0.22 -0.20
CA VAL B 334 -14.21 -1.24 -0.12
C VAL B 334 -15.56 -0.54 -0.30
N LEU B 335 -15.68 0.71 0.16
CA LEU B 335 -16.93 1.52 0.10
C LEU B 335 -17.22 1.84 -1.37
N LEU B 336 -16.20 2.32 -2.08
CA LEU B 336 -16.28 2.78 -3.50
C LEU B 336 -16.78 1.66 -4.40
N LYS B 337 -16.43 0.40 -4.10
CA LYS B 337 -16.81 -0.80 -4.89
C LYS B 337 -18.34 -0.84 -5.09
N THR B 338 -19.11 -0.42 -4.08
CA THR B 338 -20.58 -0.63 -4.01
C THR B 338 -21.35 0.66 -3.67
N VAL B 339 -20.66 1.78 -3.40
CA VAL B 339 -21.28 3.03 -2.86
C VAL B 339 -22.32 3.57 -3.84
N LYS B 340 -22.08 3.41 -5.15
CA LYS B 340 -22.97 3.94 -6.23
C LYS B 340 -24.42 3.48 -5.99
N LYS B 341 -24.61 2.18 -5.78
CA LYS B 341 -25.95 1.53 -5.72
C LYS B 341 -26.71 1.96 -4.45
N SER B 342 -26.00 2.40 -3.41
CA SER B 342 -26.56 2.80 -2.09
C SER B 342 -27.24 4.17 -2.18
N VAL B 343 -26.74 5.04 -3.04
CA VAL B 343 -27.23 6.44 -3.17
C VAL B 343 -28.76 6.36 -3.34
N ASN B 344 -29.51 7.16 -2.59
CA ASN B 344 -30.99 7.26 -2.73
C ASN B 344 -31.32 7.49 -4.20
N PRO B 345 -32.07 6.59 -4.87
CA PRO B 345 -32.50 6.81 -6.26
C PRO B 345 -33.17 8.18 -6.45
N LYS B 346 -33.94 8.62 -5.45
CA LYS B 346 -34.70 9.90 -5.47
C LYS B 346 -33.73 11.09 -5.42
N TYR B 347 -32.48 10.89 -4.99
CA TYR B 347 -31.50 11.98 -4.79
C TYR B 347 -31.33 12.77 -6.10
N VAL B 348 -31.53 14.08 -6.02
CA VAL B 348 -31.10 15.07 -7.05
C VAL B 348 -29.81 15.71 -6.55
N PRO B 349 -28.67 15.56 -7.26
CA PRO B 349 -27.44 16.28 -6.91
C PRO B 349 -27.73 17.73 -6.51
N ALA B 350 -27.41 18.09 -5.27
CA ALA B 350 -27.71 19.40 -4.66
C ALA B 350 -26.72 20.44 -5.18
N PRO B 351 -27.15 21.70 -5.44
CA PRO B 351 -26.26 22.72 -6.00
C PRO B 351 -25.30 23.22 -4.92
N VAL B 352 -24.11 23.69 -5.32
CA VAL B 352 -23.01 24.08 -4.38
C VAL B 352 -23.00 25.60 -4.25
N PRO B 353 -22.90 26.12 -3.01
CA PRO B 353 -23.20 27.53 -2.74
C PRO B 353 -22.13 28.52 -3.25
N ALA B 354 -22.27 29.78 -2.80
CA ALA B 354 -21.20 30.81 -2.74
C ALA B 354 -20.56 31.00 -4.12
N THR B 355 -19.24 30.83 -4.21
CA THR B 355 -18.37 31.23 -5.35
C THR B 355 -18.81 32.63 -5.82
N LYS B 356 -18.82 33.59 -4.89
CA LYS B 356 -19.30 34.99 -5.07
C LYS B 356 -18.11 35.90 -5.43
N ALA B 357 -18.38 37.17 -5.74
CA ALA B 357 -17.37 38.20 -6.10
C ALA B 357 -17.69 39.50 -5.36
N PRO B 361 -12.32 48.02 -5.76
CA PRO B 361 -11.10 47.59 -6.46
C PRO B 361 -10.26 48.76 -6.99
N GLY B 362 -10.20 49.87 -6.24
CA GLY B 362 -9.49 51.10 -6.65
C GLY B 362 -7.99 50.95 -6.52
N ASN B 363 -7.23 51.17 -7.61
CA ASN B 363 -5.77 50.90 -7.70
C ASN B 363 -5.03 51.65 -6.58
N ASN B 364 -5.53 52.83 -6.19
CA ASN B 364 -4.92 53.69 -5.13
C ASN B 364 -5.38 53.22 -3.74
N ASP B 365 -6.56 52.59 -3.66
CA ASP B 365 -7.17 52.15 -2.36
C ASP B 365 -6.23 51.17 -1.67
N PRO B 366 -6.13 51.20 -0.32
CA PRO B 366 -5.32 50.24 0.41
C PRO B 366 -5.88 48.82 0.25
N VAL B 367 -4.99 47.82 0.17
CA VAL B 367 -5.33 46.37 -0.01
C VAL B 367 -6.13 45.91 1.21
N SER B 368 -7.37 45.48 1.00
CA SER B 368 -8.26 44.91 2.03
C SER B 368 -8.04 43.39 2.10
N GLN B 369 -8.39 42.77 3.22
CA GLN B 369 -8.34 41.30 3.42
C GLN B 369 -9.07 40.65 2.25
N GLU B 370 -10.34 41.02 2.08
CA GLU B 370 -11.27 40.52 1.02
C GLU B 370 -10.52 40.39 -0.31
N TYR B 371 -9.89 41.47 -0.78
CA TYR B 371 -9.31 41.57 -2.16
C TYR B 371 -8.08 40.67 -2.30
N LEU B 372 -7.23 40.61 -1.26
CA LEU B 372 -5.97 39.83 -1.28
C LEU B 372 -6.27 38.37 -1.60
N TRP B 373 -7.13 37.73 -0.79
CA TRP B 373 -7.33 36.27 -0.77
C TRP B 373 -8.04 35.79 -2.04
N ARG B 374 -8.89 36.64 -2.65
CA ARG B 374 -9.58 36.30 -3.92
C ARG B 374 -8.58 36.40 -5.08
N LYS B 375 -7.79 37.47 -5.14
CA LYS B 375 -6.90 37.78 -6.29
C LYS B 375 -5.60 36.96 -6.17
N VAL B 376 -5.25 36.52 -4.97
CA VAL B 376 -4.12 35.59 -4.72
C VAL B 376 -4.33 34.30 -5.52
N SER B 377 -5.59 33.88 -5.69
CA SER B 377 -6.02 32.67 -6.45
C SER B 377 -5.43 32.69 -7.86
N ASP B 378 -5.42 33.86 -8.52
CA ASP B 378 -4.95 34.05 -9.92
C ASP B 378 -3.44 33.78 -10.02
N TRP B 379 -2.68 34.03 -8.95
CA TRP B 379 -1.19 33.96 -8.96
C TRP B 379 -0.74 32.52 -8.70
N PHE B 380 -1.49 31.76 -7.90
CA PHE B 380 -1.19 30.36 -7.53
C PHE B 380 -1.10 29.50 -8.81
N GLN B 381 -0.33 28.42 -8.75
CA GLN B 381 -0.13 27.46 -9.87
C GLN B 381 -0.03 26.03 -9.30
N GLU B 382 -0.08 25.04 -10.20
CA GLU B 382 -0.07 23.59 -9.87
C GLU B 382 1.19 23.26 -9.05
N GLY B 383 1.01 22.49 -7.96
CA GLY B 383 2.11 21.95 -7.14
C GLY B 383 2.55 22.90 -6.04
N ASP B 384 1.92 24.08 -5.95
CA ASP B 384 2.32 25.14 -4.98
C ASP B 384 2.04 24.66 -3.55
N VAL B 385 3.04 24.80 -2.68
CA VAL B 385 2.90 24.62 -1.20
C VAL B 385 2.38 25.95 -0.65
N ILE B 386 1.12 25.99 -0.19
CA ILE B 386 0.50 27.21 0.41
C ILE B 386 0.45 27.03 1.93
N ILE B 387 1.31 27.75 2.65
CA ILE B 387 1.44 27.74 4.14
C ILE B 387 0.77 28.99 4.71
N SER B 388 0.01 28.83 5.80
CA SER B 388 -0.81 29.91 6.43
C SER B 388 -0.62 29.87 7.95
N GLU B 389 -0.37 31.02 8.59
CA GLU B 389 -0.17 31.14 10.05
C GLU B 389 -1.54 31.35 10.72
N THR B 390 -1.69 30.80 11.93
CA THR B 390 -2.81 31.08 12.88
C THR B 390 -2.91 32.60 13.09
N GLY B 391 -4.11 33.17 12.89
CA GLY B 391 -4.34 34.63 12.90
C GLY B 391 -5.12 35.06 11.67
N THR B 392 -4.73 36.18 11.05
CA THR B 392 -5.42 36.78 9.86
C THR B 392 -5.20 35.88 8.64
N SER B 393 -4.00 35.34 8.48
CA SER B 393 -3.61 34.48 7.32
C SER B 393 -4.43 33.19 7.32
N ALA B 394 -4.50 32.48 8.46
CA ALA B 394 -5.09 31.14 8.62
C ALA B 394 -6.56 31.13 8.17
N PHE B 395 -7.31 32.20 8.48
CA PHE B 395 -8.76 32.34 8.18
C PHE B 395 -8.98 33.11 6.87
N GLY B 396 -8.05 34.00 6.50
CA GLY B 396 -8.09 34.73 5.22
C GLY B 396 -7.97 33.76 4.05
N ILE B 397 -6.91 32.95 4.07
CA ILE B 397 -6.50 31.98 3.01
C ILE B 397 -7.65 30.99 2.73
N VAL B 398 -8.53 30.79 3.72
CA VAL B 398 -9.73 29.89 3.63
C VAL B 398 -10.51 30.23 2.36
N GLN B 399 -10.78 31.52 2.13
CA GLN B 399 -11.63 32.04 1.02
C GLN B 399 -10.90 31.91 -0.31
N SER B 400 -9.56 31.83 -0.28
CA SER B 400 -8.69 31.72 -1.49
C SER B 400 -8.95 30.39 -2.20
N LYS B 401 -8.96 30.40 -3.55
CA LYS B 401 -9.08 29.18 -4.39
C LYS B 401 -7.69 28.61 -4.65
N PHE B 402 -7.50 27.32 -4.34
CA PHE B 402 -6.19 26.62 -4.46
C PHE B 402 -6.10 25.95 -5.81
N PRO B 403 -4.88 25.86 -6.39
CA PRO B 403 -4.67 25.23 -7.69
C PRO B 403 -4.71 23.70 -7.58
N LYS B 404 -4.53 22.98 -8.68
CA LYS B 404 -4.44 21.50 -8.69
C LYS B 404 -3.12 21.09 -8.04
N ASN B 405 -3.10 19.97 -7.31
CA ASN B 405 -1.90 19.40 -6.64
C ASN B 405 -1.28 20.44 -5.69
N ALA B 406 -2.07 21.39 -5.19
CA ALA B 406 -1.65 22.34 -4.13
C ALA B 406 -1.46 21.56 -2.84
N ILE B 407 -0.48 21.97 -2.02
CA ILE B 407 -0.23 21.40 -0.67
C ILE B 407 -0.54 22.48 0.38
N GLY B 408 -1.61 22.27 1.16
CA GLY B 408 -2.04 23.17 2.24
C GLY B 408 -1.35 22.83 3.55
N ILE B 409 -0.79 23.82 4.22
CA ILE B 409 -0.15 23.70 5.57
C ILE B 409 -0.61 24.87 6.43
N SER B 410 -1.67 24.68 7.21
CA SER B 410 -2.27 25.72 8.07
C SER B 410 -2.58 25.13 9.45
N GLN B 411 -1.63 25.24 10.39
CA GLN B 411 -1.82 24.75 11.79
C GLN B 411 -2.80 25.72 12.47
N VAL B 412 -4.10 25.50 12.24
CA VAL B 412 -5.24 26.23 12.85
C VAL B 412 -5.70 25.46 14.10
N LEU B 413 -5.66 24.12 14.04
CA LEU B 413 -6.12 23.18 15.12
C LEU B 413 -5.25 23.37 16.38
N TRP B 414 -3.94 23.11 16.27
CA TRP B 414 -2.97 23.26 17.40
C TRP B 414 -2.62 24.74 17.60
N GLY B 415 -2.66 25.54 16.52
CA GLY B 415 -2.50 27.01 16.56
C GLY B 415 -1.30 27.43 17.41
N SER B 416 -0.10 27.00 17.01
CA SER B 416 1.19 27.24 17.71
C SER B 416 1.95 28.38 17.02
N ILE B 417 1.76 29.61 17.51
CA ILE B 417 2.27 30.88 16.90
C ILE B 417 3.77 30.74 16.59
N GLY B 418 4.17 31.13 15.38
CA GLY B 418 5.55 31.01 14.88
C GLY B 418 5.76 29.78 14.02
N TYR B 419 4.83 28.82 14.05
CA TYR B 419 4.92 27.52 13.34
C TYR B 419 5.17 27.73 11.85
N ALA B 420 4.28 28.48 11.18
CA ALA B 420 4.20 28.63 9.71
C ALA B 420 5.55 29.07 9.14
N THR B 421 6.26 29.97 9.82
CA THR B 421 7.60 30.47 9.42
C THR B 421 8.61 29.34 9.61
N GLY B 422 8.64 28.72 10.80
CA GLY B 422 9.39 27.47 11.06
C GLY B 422 9.12 26.44 9.98
N ALA B 423 7.85 26.07 9.78
CA ALA B 423 7.38 25.02 8.85
C ALA B 423 7.87 25.31 7.43
N THR B 424 7.75 26.57 6.98
CA THR B 424 8.15 27.05 5.63
C THR B 424 9.57 26.59 5.32
N CYS B 425 10.48 26.71 6.30
CA CYS B 425 11.90 26.30 6.18
C CYS B 425 12.00 24.82 5.80
N GLY B 426 11.15 23.96 6.35
CA GLY B 426 11.15 22.51 6.09
C GLY B 426 10.57 22.20 4.72
N ALA B 427 9.40 22.77 4.41
CA ALA B 427 8.68 22.64 3.12
C ALA B 427 9.61 23.05 1.98
N ALA B 428 10.32 24.17 2.16
CA ALA B 428 11.29 24.76 1.20
C ALA B 428 12.35 23.71 0.84
N MET B 429 13.00 23.12 1.85
CA MET B 429 14.13 22.17 1.68
C MET B 429 13.63 20.86 1.05
N ALA B 430 12.39 20.47 1.34
CA ALA B 430 11.75 19.24 0.81
C ALA B 430 11.44 19.43 -0.68
N ALA B 431 10.92 20.59 -1.04
CA ALA B 431 10.57 20.99 -2.43
C ALA B 431 11.86 21.00 -3.28
N GLN B 432 12.94 21.58 -2.75
CA GLN B 432 14.28 21.61 -3.41
C GLN B 432 14.62 20.19 -3.87
N GLU B 433 14.51 19.22 -2.97
CA GLU B 433 14.97 17.83 -3.17
C GLU B 433 14.01 17.11 -4.14
N ILE B 434 12.75 17.55 -4.22
CA ILE B 434 11.69 16.92 -5.05
C ILE B 434 11.76 17.51 -6.46
N ASP B 435 11.40 18.79 -6.61
CA ASP B 435 11.14 19.44 -7.92
C ASP B 435 11.51 20.93 -7.84
N PRO B 436 12.65 21.34 -8.46
CA PRO B 436 13.08 22.73 -8.47
C PRO B 436 12.06 23.77 -8.95
N LYS B 437 11.06 23.37 -9.74
CA LYS B 437 9.98 24.26 -10.24
C LYS B 437 8.91 24.46 -9.16
N LYS B 438 8.87 23.57 -8.16
CA LYS B 438 7.85 23.57 -7.08
C LYS B 438 8.09 24.77 -6.15
N ARG B 439 7.12 25.69 -6.07
CA ARG B 439 7.20 26.95 -5.29
C ARG B 439 6.61 26.72 -3.90
N VAL B 440 7.19 27.37 -2.88
CA VAL B 440 6.77 27.27 -1.45
C VAL B 440 6.42 28.67 -0.94
N ILE B 441 5.13 28.95 -0.76
CA ILE B 441 4.59 30.31 -0.45
C ILE B 441 4.12 30.34 1.00
N LEU B 442 4.53 31.35 1.76
CA LEU B 442 4.16 31.55 3.18
C LEU B 442 3.36 32.84 3.32
N PHE B 443 2.21 32.78 4.00
CA PHE B 443 1.46 33.97 4.50
C PHE B 443 1.50 33.93 6.03
N THR B 444 2.05 34.97 6.65
CA THR B 444 2.23 35.10 8.12
C THR B 444 2.02 36.56 8.53
N GLY B 445 1.44 36.78 9.71
CA GLY B 445 1.45 38.08 10.42
C GLY B 445 2.88 38.49 10.74
N ASP B 446 3.13 39.79 10.92
CA ASP B 446 4.50 40.34 11.18
C ASP B 446 4.97 39.86 12.56
N GLY B 447 4.06 39.77 13.54
CA GLY B 447 4.34 39.31 14.91
C GLY B 447 4.78 37.85 14.93
N SER B 448 3.96 36.94 14.41
CA SER B 448 4.21 35.47 14.35
C SER B 448 5.62 35.19 13.84
N LEU B 449 6.01 35.85 12.75
CA LEU B 449 7.33 35.76 12.07
C LEU B 449 8.48 35.79 13.10
N GLN B 450 8.39 36.73 14.05
CA GLN B 450 9.49 37.08 15.00
C GLN B 450 9.92 35.85 15.79
N LEU B 451 8.95 35.05 16.26
CA LEU B 451 9.15 33.94 17.22
C LEU B 451 10.15 32.92 16.67
N THR B 452 10.07 32.60 15.38
CA THR B 452 10.91 31.56 14.70
C THR B 452 11.71 32.18 13.54
N VAL B 453 12.12 33.44 13.69
CA VAL B 453 12.70 34.28 12.58
C VAL B 453 13.99 33.64 12.05
N GLN B 454 14.77 32.94 12.89
CA GLN B 454 16.11 32.42 12.53
C GLN B 454 16.03 31.39 11.40
N GLU B 455 14.87 30.76 11.21
CA GLU B 455 14.69 29.68 10.19
C GLU B 455 14.63 30.30 8.79
N ILE B 456 14.49 31.62 8.67
CA ILE B 456 14.62 32.38 7.38
C ILE B 456 16.11 32.44 7.02
N SER B 457 16.99 32.55 8.01
CA SER B 457 18.47 32.46 7.84
C SER B 457 18.84 31.06 7.33
N THR B 458 18.17 30.02 7.84
CA THR B 458 18.36 28.62 7.39
C THR B 458 17.99 28.52 5.90
N MET B 459 16.85 29.11 5.50
CA MET B 459 16.38 29.15 4.10
C MET B 459 17.46 29.82 3.24
N CYS B 460 18.03 30.94 3.71
CA CYS B 460 19.12 31.68 3.03
C CYS B 460 20.34 30.76 2.89
N LYS B 461 20.78 30.17 3.99
CA LYS B 461 22.01 29.31 4.05
C LYS B 461 21.92 28.23 2.98
N TRP B 462 20.76 27.61 2.80
CA TRP B 462 20.53 26.47 1.87
C TRP B 462 19.95 26.96 0.53
N ASP B 463 20.06 28.26 0.25
CA ASP B 463 19.68 28.91 -1.03
C ASP B 463 18.29 28.43 -1.46
N CYS B 464 17.30 28.54 -0.56
CA CYS B 464 15.89 28.15 -0.81
C CYS B 464 15.22 29.20 -1.69
N TYR B 465 15.50 29.13 -2.99
CA TYR B 465 15.07 30.11 -4.03
C TYR B 465 13.64 29.79 -4.52
N ASN B 466 12.97 28.85 -3.86
CA ASN B 466 11.58 28.41 -4.19
C ASN B 466 10.58 29.09 -3.27
N THR B 467 11.04 29.71 -2.17
CA THR B 467 10.15 30.22 -1.09
C THR B 467 9.78 31.68 -1.38
N TYR B 468 8.49 32.00 -1.22
CA TYR B 468 7.93 33.37 -1.17
C TYR B 468 7.45 33.62 0.27
N LEU B 469 7.88 34.74 0.86
CA LEU B 469 7.59 35.10 2.27
C LEU B 469 6.67 36.33 2.29
N TYR B 470 5.37 36.12 2.10
CA TYR B 470 4.35 37.20 2.17
C TYR B 470 4.09 37.53 3.64
N VAL B 471 4.47 38.73 4.07
CA VAL B 471 4.40 39.22 5.48
C VAL B 471 3.28 40.25 5.55
N LEU B 472 2.14 39.87 6.14
CA LEU B 472 0.94 40.74 6.25
C LEU B 472 1.14 41.70 7.43
N ASN B 473 1.45 42.96 7.13
CA ASN B 473 1.65 44.03 8.15
C ASN B 473 0.31 44.72 8.40
N ASN B 474 -0.05 44.90 9.68
CA ASN B 474 -1.34 45.49 10.12
C ASN B 474 -1.14 46.35 11.37
N ASP B 475 0.06 46.94 11.53
CA ASP B 475 0.46 47.81 12.67
C ASP B 475 0.56 46.96 13.95
N GLY B 476 0.93 45.67 13.80
CA GLY B 476 1.12 44.72 14.92
C GLY B 476 -0.21 44.27 15.49
N ILE B 493 3.37 44.42 20.33
CA ILE B 493 4.66 43.83 19.84
C ILE B 493 5.54 44.94 19.24
N GLN B 494 6.83 44.63 19.04
CA GLN B 494 7.86 45.57 18.51
C GLN B 494 7.84 45.49 16.99
N PRO B 495 7.50 46.59 16.27
CA PRO B 495 7.55 46.59 14.81
C PRO B 495 9.01 46.45 14.35
N TRP B 496 9.23 45.62 13.33
CA TRP B 496 10.55 45.37 12.70
C TRP B 496 10.51 45.85 11.25
N ASN B 497 11.66 46.22 10.68
CA ASN B 497 11.84 46.41 9.21
C ASN B 497 12.03 45.04 8.59
N ASN B 498 10.93 44.32 8.37
CA ASN B 498 10.91 42.88 8.00
C ASN B 498 11.68 42.69 6.67
N LEU B 499 11.58 43.64 5.75
CA LEU B 499 12.24 43.54 4.41
C LEU B 499 13.76 43.48 4.57
N GLN B 500 14.29 43.98 5.70
CA GLN B 500 15.75 44.02 6.00
C GLN B 500 16.32 42.64 6.31
N LEU B 501 15.47 41.65 6.64
CA LEU B 501 15.91 40.33 7.17
C LEU B 501 16.76 39.60 6.11
N LEU B 502 16.22 39.37 4.91
CA LEU B 502 16.91 38.57 3.85
C LEU B 502 18.31 39.12 3.58
N PRO B 503 18.50 40.44 3.33
CA PRO B 503 19.85 41.00 3.14
C PRO B 503 20.75 40.92 4.39
N LEU B 504 20.17 41.01 5.58
CA LEU B 504 20.90 40.86 6.88
C LEU B 504 21.39 39.41 7.01
N PHE B 505 20.56 38.44 6.65
CA PHE B 505 20.86 36.99 6.73
C PHE B 505 21.76 36.58 5.56
N ASN B 506 21.92 37.45 4.55
CA ASN B 506 22.91 37.32 3.44
C ASN B 506 22.46 36.26 2.43
N ALA B 507 21.21 36.35 1.97
CA ALA B 507 20.66 35.57 0.84
C ALA B 507 21.49 35.88 -0.41
N LYS B 508 22.15 34.88 -1.01
CA LYS B 508 23.05 35.04 -2.18
C LYS B 508 22.26 35.63 -3.35
N LYS B 509 20.99 35.28 -3.46
CA LYS B 509 20.06 35.74 -4.53
C LYS B 509 18.71 36.02 -3.85
N TYR B 510 18.15 37.23 -4.01
CA TYR B 510 16.92 37.63 -3.27
C TYR B 510 16.18 38.78 -3.98
N GLU B 511 14.93 39.00 -3.54
CA GLU B 511 14.07 40.13 -3.94
C GLU B 511 13.10 40.45 -2.80
N THR B 512 12.98 41.72 -2.43
CA THR B 512 11.99 42.23 -1.44
C THR B 512 11.10 43.24 -2.13
N LYS B 513 9.86 43.41 -1.64
CA LYS B 513 8.85 44.33 -2.22
C LYS B 513 7.79 44.63 -1.15
N ARG B 514 7.64 45.90 -0.78
CA ARG B 514 6.51 46.41 0.04
C ARG B 514 5.34 46.70 -0.90
N ILE B 515 4.11 46.45 -0.45
CA ILE B 515 2.87 46.60 -1.27
C ILE B 515 1.77 47.24 -0.41
N SER B 516 1.49 48.52 -0.67
CA SER B 516 0.53 49.38 0.10
C SER B 516 -0.84 49.43 -0.58
N THR B 517 -0.89 49.43 -1.92
CA THR B 517 -2.11 49.69 -2.72
C THR B 517 -2.41 48.51 -3.67
N VAL B 518 -3.68 48.41 -4.10
CA VAL B 518 -4.19 47.34 -5.01
C VAL B 518 -3.32 47.29 -6.27
N GLY B 519 -3.03 48.45 -6.86
CA GLY B 519 -2.20 48.59 -8.08
C GLY B 519 -0.89 47.82 -7.98
N GLU B 520 -0.15 48.07 -6.89
CA GLU B 520 1.16 47.40 -6.61
C GLU B 520 0.96 45.89 -6.55
N LEU B 521 -0.07 45.43 -5.84
CA LEU B 521 -0.41 43.99 -5.69
C LEU B 521 -0.72 43.38 -7.06
N ASN B 522 -1.57 44.02 -7.86
CA ASN B 522 -2.04 43.49 -9.16
C ASN B 522 -0.84 43.35 -10.10
N ASP B 523 0.08 44.33 -10.08
CA ASP B 523 1.37 44.30 -10.82
C ASP B 523 2.15 43.04 -10.44
N LEU B 524 2.38 42.87 -9.14
CA LEU B 524 3.23 41.78 -8.57
C LEU B 524 2.78 40.42 -9.12
N PHE B 525 1.48 40.14 -9.10
CA PHE B 525 0.92 38.82 -9.47
C PHE B 525 0.98 38.64 -10.99
N THR B 526 0.81 39.72 -11.76
CA THR B 526 0.88 39.71 -13.25
C THR B 526 2.35 39.71 -13.71
N ASN B 527 3.27 40.22 -12.88
CA ASN B 527 4.75 40.21 -13.13
C ASN B 527 5.22 38.76 -13.34
N LYS B 528 5.69 38.46 -14.56
CA LYS B 528 6.05 37.10 -15.02
C LYS B 528 7.38 36.63 -14.41
N GLU B 529 8.34 37.54 -14.20
CA GLU B 529 9.70 37.19 -13.72
C GLU B 529 9.65 36.89 -12.22
N PHE B 530 8.76 37.59 -11.49
CA PHE B 530 8.50 37.42 -10.04
C PHE B 530 7.92 36.03 -9.76
N ALA B 531 7.17 35.46 -10.71
CA ALA B 531 6.43 34.20 -10.55
C ALA B 531 7.36 32.98 -10.71
N VAL B 532 8.63 33.21 -11.06
CA VAL B 532 9.65 32.12 -11.25
C VAL B 532 10.43 31.94 -9.95
N PRO B 533 10.55 30.71 -9.42
CA PRO B 533 11.36 30.46 -8.22
C PRO B 533 12.86 30.37 -8.55
N ASP B 534 13.47 31.50 -8.92
CA ASP B 534 14.92 31.62 -9.25
C ASP B 534 15.66 32.30 -8.09
N ARG B 535 14.93 32.77 -7.07
CA ARG B 535 15.49 33.48 -5.89
C ARG B 535 14.48 33.44 -4.72
N ILE B 536 14.98 33.58 -3.50
CA ILE B 536 14.15 33.70 -2.26
C ILE B 536 13.62 35.13 -2.17
N ARG B 537 12.33 35.29 -1.90
CA ARG B 537 11.63 36.62 -1.93
C ARG B 537 10.90 36.84 -0.61
N MET B 538 10.75 38.10 -0.20
CA MET B 538 9.83 38.51 0.91
C MET B 538 9.00 39.70 0.46
N VAL B 539 7.68 39.50 0.34
CA VAL B 539 6.70 40.57 0.00
C VAL B 539 5.99 41.00 1.29
N GLU B 540 6.26 42.22 1.77
CA GLU B 540 5.52 42.85 2.89
C GLU B 540 4.26 43.51 2.35
N ILE B 541 3.07 43.05 2.78
CA ILE B 541 1.75 43.61 2.37
C ILE B 541 1.19 44.43 3.53
N MET B 542 1.07 45.75 3.36
CA MET B 542 0.53 46.70 4.37
C MET B 542 -1.00 46.57 4.38
N LEU B 543 -1.60 46.43 5.57
CA LEU B 543 -3.07 46.33 5.77
C LEU B 543 -3.49 47.32 6.86
N PRO B 544 -4.77 47.73 6.93
CA PRO B 544 -5.26 48.50 8.07
C PRO B 544 -5.31 47.63 9.35
N VAL B 545 -5.32 48.25 10.53
CA VAL B 545 -5.46 47.55 11.85
C VAL B 545 -6.65 46.58 11.79
N MET B 546 -7.73 46.96 11.09
CA MET B 546 -8.87 46.08 10.71
C MET B 546 -8.41 45.09 9.64
#